data_1PN2
#
_entry.id   1PN2
#
_cell.length_a   178.800
_cell.length_b   60.648
_cell.length_c   131.117
_cell.angle_alpha   90.000
_cell.angle_beta   94.571
_cell.angle_gamma   90.000
#
_symmetry.space_group_name_H-M   'C 1 2 1'
#
loop_
_entity.id
_entity.type
_entity.pdbx_description
1 polymer 'Peroxisomal hydratase-dehydrogenase-epimerase'
2 non-polymer 1,2-ETHANEDIOL
3 water water
#
_entity_poly.entity_id   1
_entity_poly.type   'polypeptide(L)'
_entity_poly.pdbx_seq_one_letter_code
;(MSE)EDDPVWRFDDRDVILYNIALGATTKQLKYVYENDSDFQVIPTFGHLITFNSGKSQNSFAKLLRNFNP(MSE)LLL
HGEHYLKVHSWPPPTEGEIKTTFEPIATTPKGTNVVIVHGSKSVDNKSGELIYSNEATYFIRNCQADNKVYADRPAFATN
QFLAPKRAPDYQVDVPVSEDLAALYRLSGDRNPLHIDPNFAKGAKFPKPILHG(MSE)CTYGLSAKALIDKFG(MSE)FN
EIKARFTGIVFPGETLRVLAWKESDDTIVFQTHVVDRGTIAINNAAIKLVGDKAKI
;
_entity_poly.pdbx_strand_id   A,B,C,D
#
loop_
_chem_comp.id
_chem_comp.type
_chem_comp.name
_chem_comp.formula
EDO non-polymer 1,2-ETHANEDIOL 'C2 H6 O2'
#
# COMPACT_ATOMS: atom_id res chain seq x y z
N ASP A 4 29.53 -42.41 8.11
CA ASP A 4 28.33 -41.63 7.67
C ASP A 4 28.74 -40.62 6.58
N PRO A 5 28.14 -40.70 5.39
CA PRO A 5 28.56 -39.87 4.25
C PRO A 5 28.50 -38.39 4.51
N VAL A 6 29.55 -37.69 4.07
CA VAL A 6 29.62 -36.24 4.15
C VAL A 6 29.32 -35.68 2.77
N TRP A 7 28.26 -34.87 2.70
CA TRP A 7 27.85 -34.21 1.46
C TRP A 7 28.23 -32.72 1.43
N ARG A 8 29.15 -32.41 0.52
CA ARG A 8 29.63 -31.05 0.27
C ARG A 8 28.99 -30.47 -0.97
N PHE A 9 28.26 -29.37 -0.79
CA PHE A 9 27.44 -28.74 -1.83
C PHE A 9 27.66 -27.22 -1.84
N ASP A 10 27.32 -26.62 -2.97
CA ASP A 10 27.49 -25.16 -3.15
C ASP A 10 26.47 -24.55 -4.11
N ASP A 11 26.65 -23.28 -4.43
CA ASP A 11 25.66 -22.52 -5.25
C ASP A 11 25.35 -23.24 -6.57
N ARG A 12 26.38 -23.86 -7.12
CA ARG A 12 26.27 -24.62 -8.36
C ARG A 12 25.27 -25.78 -8.28
N ASP A 13 25.36 -26.55 -7.21
CA ASP A 13 24.41 -27.64 -6.96
C ASP A 13 22.98 -27.10 -6.80
N VAL A 14 22.88 -26.02 -6.03
CA VAL A 14 21.59 -25.39 -5.76
C VAL A 14 20.94 -24.91 -7.06
N ILE A 15 21.70 -24.24 -7.91
CA ILE A 15 21.14 -23.64 -9.13
C ILE A 15 20.77 -24.72 -10.13
N LEU A 16 21.62 -25.73 -10.25
CA LEU A 16 21.36 -26.87 -11.11
C LEU A 16 20.07 -27.59 -10.68
N TYR A 17 19.94 -27.86 -9.39
CA TYR A 17 18.70 -28.41 -8.83
C TYR A 17 17.46 -27.54 -9.11
N ASN A 18 17.56 -26.27 -8.75
CA ASN A 18 16.46 -25.31 -8.97
C ASN A 18 16.06 -25.21 -10.46
N ILE A 19 17.04 -25.12 -11.34
CA ILE A 19 16.74 -25.07 -12.79
C ILE A 19 15.97 -26.33 -13.26
N ALA A 20 16.42 -27.49 -12.81
CA ALA A 20 15.76 -28.79 -13.13
C ALA A 20 14.29 -28.84 -12.68
N LEU A 21 13.96 -28.07 -11.63
CA LEU A 21 12.58 -27.91 -11.16
C LEU A 21 11.81 -26.75 -11.77
N GLY A 22 12.36 -26.16 -12.81
CA GLY A 22 11.65 -25.19 -13.63
C GLY A 22 11.96 -23.76 -13.31
N ALA A 23 12.94 -23.51 -12.44
CA ALA A 23 13.35 -22.14 -12.12
C ALA A 23 13.97 -21.49 -13.37
N THR A 24 13.61 -20.24 -13.63
CA THR A 24 14.14 -19.48 -14.77
C THR A 24 14.71 -18.14 -14.32
N THR A 25 15.22 -17.40 -15.28
CA THR A 25 15.76 -16.06 -15.02
C THR A 25 14.70 -15.02 -14.65
N LYS A 26 13.42 -15.35 -14.75
CA LYS A 26 12.35 -14.50 -14.17
C LYS A 26 12.41 -14.50 -12.64
N GLN A 27 13.10 -15.50 -12.10
CA GLN A 27 13.27 -15.70 -10.64
C GLN A 27 14.75 -15.87 -10.29
N LEU A 28 15.45 -14.74 -10.36
CA LEU A 28 16.89 -14.72 -10.10
C LEU A 28 17.24 -15.27 -8.70
N LYS A 29 16.29 -15.18 -7.77
CA LYS A 29 16.48 -15.71 -6.39
C LYS A 29 16.76 -17.23 -6.40
N TYR A 30 16.33 -17.92 -7.45
CA TYR A 30 16.62 -19.36 -7.64
C TYR A 30 17.83 -19.66 -8.50
N VAL A 31 18.14 -18.77 -9.45
CA VAL A 31 19.19 -19.05 -10.48
C VAL A 31 20.43 -18.15 -10.46
N TYR A 32 20.50 -17.19 -9.54
CA TYR A 32 21.68 -16.32 -9.45
C TYR A 32 22.18 -16.20 -8.05
N GLU A 33 23.41 -16.67 -7.82
CA GLU A 33 23.99 -16.81 -6.47
C GLU A 33 24.26 -15.47 -5.74
N ASN A 34 24.34 -14.39 -6.50
CA ASN A 34 24.52 -13.04 -5.91
C ASN A 34 23.22 -12.23 -5.76
N ASP A 35 22.10 -12.85 -6.07
CA ASP A 35 20.81 -12.31 -5.71
C ASP A 35 20.69 -12.19 -4.18
N SER A 36 20.12 -11.07 -3.74
CA SER A 36 19.90 -10.79 -2.32
C SER A 36 18.98 -11.81 -1.62
N ASP A 37 18.13 -12.47 -2.39
CA ASP A 37 17.18 -13.49 -1.87
C ASP A 37 17.55 -14.90 -2.35
N PHE A 38 18.81 -15.08 -2.73
CA PHE A 38 19.26 -16.38 -3.25
C PHE A 38 18.84 -17.53 -2.32
N GLN A 39 18.21 -18.55 -2.89
CA GLN A 39 17.67 -19.63 -2.07
C GLN A 39 17.50 -20.91 -2.84
N VAL A 40 17.31 -21.99 -2.08
CA VAL A 40 17.08 -23.31 -2.65
C VAL A 40 15.65 -23.81 -2.42
N ILE A 41 15.09 -24.46 -3.45
CA ILE A 41 13.83 -25.16 -3.27
C ILE A 41 14.06 -26.32 -2.24
N PRO A 42 13.30 -26.37 -1.16
CA PRO A 42 13.68 -27.20 0.00
C PRO A 42 13.66 -28.71 -0.22
N THR A 43 13.01 -29.23 -1.25
CA THR A 43 13.12 -30.68 -1.55
C THR A 43 14.60 -31.12 -1.86
N PHE A 44 15.44 -30.14 -2.15
CA PHE A 44 16.89 -30.29 -2.25
C PHE A 44 17.46 -31.17 -1.13
N GLY A 45 16.87 -31.08 0.06
CA GLY A 45 17.31 -31.85 1.23
C GLY A 45 17.12 -33.38 1.16
N HIS A 46 16.32 -33.84 0.22
CA HIS A 46 16.14 -35.28 -0.03
C HIS A 46 17.36 -35.95 -0.67
N LEU A 47 18.17 -35.17 -1.39
CA LEU A 47 19.25 -35.70 -2.28
C LEU A 47 20.20 -36.68 -1.64
N ILE A 48 20.44 -36.53 -0.34
CA ILE A 48 21.19 -37.55 0.45
C ILE A 48 20.55 -38.97 0.34
N THR A 49 19.29 -39.05 -0.07
CA THR A 49 18.59 -40.33 -0.28
C THR A 49 19.22 -41.18 -1.43
N PHE A 50 19.72 -40.50 -2.48
CA PHE A 50 20.23 -41.16 -3.70
C PHE A 50 21.71 -40.93 -4.04
N ASN A 51 22.32 -39.92 -3.41
CA ASN A 51 23.64 -39.42 -3.84
C ASN A 51 24.87 -40.04 -3.13
N SER A 52 24.63 -41.03 -2.27
CA SER A 52 25.72 -41.81 -1.61
C SER A 52 25.50 -43.35 -1.72
N GLY A 53 26.56 -44.11 -1.43
CA GLY A 53 26.54 -45.58 -1.43
C GLY A 53 26.00 -46.17 -0.14
N LYS A 54 26.33 -45.53 0.99
CA LYS A 54 25.77 -45.86 2.32
C LYS A 54 24.30 -45.40 2.50
N SER A 55 23.74 -44.74 1.49
CA SER A 55 22.31 -44.44 1.45
C SER A 55 21.52 -45.57 0.78
N GLN A 56 22.16 -46.27 -0.16
CA GLN A 56 21.61 -47.46 -0.81
C GLN A 56 22.18 -48.75 -0.22
N ASN A 57 23.15 -49.07 0.16
CA ASN A 57 23.64 -50.27 0.86
C ASN A 57 23.26 -50.30 2.34
N SER A 58 22.89 -49.23 2.92
CA SER A 58 22.63 -49.15 4.38
C SER A 58 21.28 -49.76 4.75
N PHE A 59 20.39 -49.86 3.78
CA PHE A 59 19.11 -50.57 3.97
C PHE A 59 19.05 -51.88 3.20
N ALA A 60 19.87 -52.11 2.14
CA ALA A 60 19.87 -53.40 1.40
C ALA A 60 20.47 -54.49 2.33
N LYS A 61 20.63 -54.48 3.44
CA LYS A 61 21.08 -54.97 4.75
C LYS A 61 20.05 -55.90 5.41
N LEU A 62 18.77 -55.67 5.15
CA LEU A 62 17.73 -56.66 5.49
C LEU A 62 17.14 -57.28 4.21
N LEU A 63 17.79 -56.97 3.08
CA LEU A 63 17.36 -57.39 1.73
C LEU A 63 17.92 -58.75 1.26
N ARG A 64 17.05 -59.44 0.54
CA ARG A 64 17.31 -60.77 -0.03
C ARG A 64 16.87 -60.75 -1.50
N ASN A 65 17.79 -61.20 -2.38
CA ASN A 65 17.59 -61.20 -3.84
C ASN A 65 17.30 -59.78 -4.37
N PHE A 66 18.06 -58.82 -3.86
CA PHE A 66 17.86 -57.43 -4.28
C PHE A 66 18.49 -57.13 -5.64
N ASN A 67 17.65 -56.67 -6.57
CA ASN A 67 18.14 -56.00 -7.79
C ASN A 67 17.83 -54.48 -7.77
N PRO A 68 18.87 -53.64 -7.72
CA PRO A 68 18.75 -52.16 -7.79
C PRO A 68 17.94 -51.62 -8.96
N MSE A 69 17.96 -52.34 -10.07
CA MSE A 69 17.17 -51.96 -11.25
C MSE A 69 15.67 -52.31 -11.13
O MSE A 69 14.82 -51.79 -11.87
CB MSE A 69 17.77 -52.59 -12.51
CG MSE A 69 19.17 -52.07 -12.81
SE MSE A 69 19.23 -50.11 -12.94
CE MSE A 69 17.67 -49.71 -13.80
N LEU A 70 15.36 -53.21 -10.19
CA LEU A 70 13.96 -53.54 -9.86
C LEU A 70 13.36 -52.67 -8.74
N LEU A 71 14.06 -51.60 -8.37
CA LEU A 71 13.63 -50.66 -7.33
C LEU A 71 12.65 -49.60 -7.85
N LEU A 72 11.57 -49.38 -7.07
CA LEU A 72 10.65 -48.23 -7.25
C LEU A 72 10.41 -47.39 -5.96
N HIS A 73 10.36 -46.06 -6.11
CA HIS A 73 10.13 -45.13 -4.96
C HIS A 73 8.62 -44.89 -4.77
N GLY A 74 8.09 -45.28 -3.62
CA GLY A 74 6.66 -45.35 -3.36
C GLY A 74 6.04 -44.19 -2.59
N GLU A 75 6.72 -43.79 -1.53
CA GLU A 75 6.34 -42.58 -0.77
C GLU A 75 7.59 -41.81 -0.34
N HIS A 76 7.46 -40.49 -0.20
CA HIS A 76 8.55 -39.69 0.37
C HIS A 76 8.05 -38.59 1.32
N TYR A 77 8.72 -38.51 2.46
CA TYR A 77 8.47 -37.47 3.46
C TYR A 77 9.77 -36.73 3.71
N LEU A 78 9.67 -35.41 3.75
CA LEU A 78 10.78 -34.53 4.07
C LEU A 78 10.34 -33.41 5.04
N LYS A 79 11.19 -33.19 6.04
CA LYS A 79 11.06 -32.04 6.94
C LYS A 79 12.35 -31.22 6.97
N VAL A 80 12.18 -29.93 6.84
CA VAL A 80 13.28 -28.98 6.99
C VAL A 80 13.20 -28.36 8.36
N HIS A 81 14.19 -28.66 9.21
CA HIS A 81 14.21 -28.24 10.63
C HIS A 81 14.93 -26.93 10.87
N SER A 82 15.78 -26.54 9.93
CA SER A 82 16.60 -25.34 10.06
C SER A 82 16.33 -24.41 8.91
N TRP A 83 15.68 -23.29 9.20
CA TRP A 83 15.19 -22.39 8.16
C TRP A 83 15.94 -21.05 8.05
N PRO A 84 16.24 -20.59 6.83
CA PRO A 84 16.03 -21.33 5.56
C PRO A 84 17.13 -22.33 5.33
N PRO A 85 16.89 -23.29 4.46
CA PRO A 85 17.92 -24.28 4.17
C PRO A 85 19.15 -23.62 3.54
N PRO A 86 20.35 -24.07 3.89
CA PRO A 86 21.57 -23.45 3.41
C PRO A 86 21.82 -23.73 1.93
N THR A 87 22.45 -22.77 1.27
CA THR A 87 22.69 -22.79 -0.18
C THR A 87 24.10 -23.25 -0.44
N GLU A 88 24.81 -23.53 0.67
CA GLU A 88 26.14 -24.12 0.58
C GLU A 88 26.49 -24.68 1.94
N GLY A 89 27.38 -25.67 1.92
CA GLY A 89 27.86 -26.24 3.16
C GLY A 89 28.26 -27.69 3.11
N GLU A 90 28.48 -28.24 4.30
CA GLU A 90 28.79 -29.64 4.51
C GLU A 90 27.76 -30.25 5.41
N ILE A 91 27.17 -31.34 4.96
CA ILE A 91 26.17 -32.04 5.74
C ILE A 91 26.56 -33.49 5.94
N LYS A 92 26.28 -33.97 7.14
CA LYS A 92 26.53 -35.35 7.55
C LYS A 92 25.21 -36.07 7.82
N THR A 93 25.07 -37.25 7.24
CA THR A 93 23.80 -37.98 7.29
C THR A 93 23.86 -39.33 7.99
N THR A 94 22.87 -39.55 8.86
CA THR A 94 22.69 -40.83 9.56
C THR A 94 21.41 -41.55 9.13
N PHE A 95 21.58 -42.81 8.76
CA PHE A 95 20.51 -43.61 8.22
C PHE A 95 20.07 -44.66 9.24
N GLU A 96 18.78 -44.70 9.52
CA GLU A 96 18.23 -45.65 10.48
C GLU A 96 16.95 -46.26 9.89
N PRO A 97 16.87 -47.59 9.85
CA PRO A 97 15.67 -48.28 9.35
C PRO A 97 14.44 -48.01 10.22
N ILE A 98 13.30 -47.78 9.56
CA ILE A 98 12.02 -47.48 10.22
C ILE A 98 11.05 -48.67 10.23
N ALA A 99 10.97 -49.37 9.09
CA ALA A 99 10.14 -50.58 8.95
C ALA A 99 10.28 -51.32 7.60
N THR A 100 9.88 -52.59 7.64
CA THR A 100 9.94 -53.51 6.48
C THR A 100 8.72 -54.47 6.41
N THR A 101 8.28 -54.78 5.18
CA THR A 101 7.11 -55.67 4.93
C THR A 101 7.12 -56.37 3.55
N PRO A 102 6.99 -57.70 3.55
CA PRO A 102 6.72 -58.46 2.32
C PRO A 102 5.28 -58.32 1.84
N LYS A 103 5.13 -58.21 0.54
CA LYS A 103 3.80 -58.15 -0.11
C LYS A 103 3.85 -58.98 -1.40
N GLY A 104 3.57 -60.27 -1.24
CA GLY A 104 3.77 -61.25 -2.30
C GLY A 104 5.26 -61.56 -2.51
N THR A 105 5.70 -61.51 -3.78
CA THR A 105 7.12 -61.77 -4.17
C THR A 105 7.99 -60.49 -4.14
N ASN A 106 7.34 -59.36 -3.84
CA ASN A 106 7.99 -58.03 -3.77
C ASN A 106 8.10 -57.54 -2.32
N VAL A 107 8.79 -56.42 -2.12
CA VAL A 107 9.10 -55.94 -0.76
C VAL A 107 8.92 -54.43 -0.57
N VAL A 108 8.11 -54.08 0.41
CA VAL A 108 7.86 -52.68 0.80
C VAL A 108 8.66 -52.25 2.06
N ILE A 109 9.61 -51.34 1.86
CA ILE A 109 10.52 -50.86 2.92
C ILE A 109 10.43 -49.33 3.18
N VAL A 110 10.18 -48.99 4.45
CA VAL A 110 10.24 -47.62 4.99
C VAL A 110 11.58 -47.34 5.66
N HIS A 111 12.40 -46.51 5.02
CA HIS A 111 13.76 -46.17 5.47
C HIS A 111 13.93 -44.70 5.86
N GLY A 112 14.42 -44.46 7.08
CA GLY A 112 14.60 -43.10 7.61
C GLY A 112 16.04 -42.56 7.55
N SER A 113 16.14 -41.25 7.62
CA SER A 113 17.44 -40.54 7.66
C SER A 113 17.32 -39.17 8.34
N LYS A 114 18.41 -38.76 8.99
CA LYS A 114 18.56 -37.45 9.60
C LYS A 114 19.88 -36.81 9.15
N SER A 115 19.79 -35.58 8.66
CA SER A 115 20.94 -34.87 8.10
C SER A 115 21.37 -33.66 8.93
N VAL A 116 22.58 -33.70 9.46
CA VAL A 116 23.12 -32.62 10.28
C VAL A 116 24.27 -31.85 9.62
N ASP A 117 24.44 -30.59 10.01
CA ASP A 117 25.61 -29.82 9.60
C ASP A 117 26.87 -30.52 10.15
N ASN A 118 27.90 -30.57 9.34
CA ASN A 118 29.11 -31.30 9.72
C ASN A 118 30.00 -30.49 10.65
N LYS A 119 29.79 -29.17 10.70
CA LYS A 119 30.58 -28.24 11.58
C LYS A 119 29.97 -27.95 12.96
N SER A 120 28.69 -28.25 13.14
CA SER A 120 27.93 -27.92 14.36
C SER A 120 27.13 -29.08 14.98
N GLY A 121 26.70 -30.01 14.13
CA GLY A 121 25.83 -31.11 14.57
C GLY A 121 24.36 -30.72 14.60
N GLU A 122 24.06 -29.55 14.04
CA GLU A 122 22.71 -28.99 13.99
C GLU A 122 21.83 -29.72 12.96
N LEU A 123 20.59 -30.03 13.35
CA LEU A 123 19.66 -30.78 12.51
C LEU A 123 19.17 -29.88 11.36
N ILE A 124 19.37 -30.31 10.13
CA ILE A 124 18.96 -29.53 8.94
C ILE A 124 17.75 -30.14 8.28
N TYR A 125 17.89 -31.40 7.88
CA TYR A 125 16.81 -32.11 7.19
C TYR A 125 16.54 -33.45 7.85
N SER A 126 15.28 -33.83 7.86
CA SER A 126 14.87 -35.19 8.15
C SER A 126 14.19 -35.72 6.90
N ASN A 127 14.41 -37.00 6.61
CA ASN A 127 13.79 -37.70 5.48
C ASN A 127 13.23 -39.06 5.89
N GLU A 128 12.06 -39.40 5.36
CA GLU A 128 11.52 -40.75 5.43
C GLU A 128 11.12 -41.20 4.02
N ALA A 129 11.93 -42.11 3.48
CA ALA A 129 11.65 -42.70 2.17
C ALA A 129 10.90 -44.02 2.37
N THR A 130 10.03 -44.30 1.42
CA THR A 130 9.34 -45.58 1.32
C THR A 130 9.65 -46.14 -0.06
N TYR A 131 10.28 -47.31 -0.06
CA TYR A 131 10.63 -47.99 -1.29
C TYR A 131 9.72 -49.20 -1.53
N PHE A 132 9.44 -49.43 -2.82
CA PHE A 132 8.78 -50.66 -3.31
C PHE A 132 9.68 -51.39 -4.33
N ILE A 133 10.14 -52.58 -3.94
CA ILE A 133 11.14 -53.31 -4.72
C ILE A 133 10.60 -54.60 -5.27
N ARG A 134 10.69 -54.74 -6.59
CA ARG A 134 10.20 -55.95 -7.26
C ARG A 134 11.18 -57.13 -7.18
N ASN A 135 10.61 -58.33 -7.13
CA ASN A 135 11.37 -59.58 -7.26
C ASN A 135 12.41 -59.78 -6.14
N CYS A 136 12.06 -59.30 -4.95
CA CYS A 136 12.95 -59.27 -3.78
C CYS A 136 12.35 -60.09 -2.61
N GLN A 137 13.07 -60.13 -1.50
CA GLN A 137 12.59 -60.83 -0.31
C GLN A 137 13.20 -60.33 1.00
N ALA A 138 12.37 -60.16 2.02
CA ALA A 138 12.84 -59.59 3.29
C ALA A 138 12.04 -60.02 4.52
N ASP A 139 12.61 -59.70 5.69
CA ASP A 139 12.00 -60.04 6.98
C ASP A 139 10.79 -59.14 7.17
N ASN A 140 9.87 -59.57 8.04
CA ASN A 140 8.74 -58.72 8.41
C ASN A 140 9.02 -58.02 9.75
N LYS A 141 9.34 -56.73 9.66
CA LYS A 141 9.79 -55.95 10.82
C LYS A 141 9.38 -54.47 10.91
N VAL A 142 9.42 -53.97 12.14
CA VAL A 142 9.05 -52.57 12.48
C VAL A 142 9.96 -52.06 13.63
N TYR A 143 10.74 -51.01 13.36
CA TYR A 143 11.82 -50.55 14.25
C TYR A 143 11.71 -49.17 14.92
N ALA A 144 10.82 -48.32 14.43
CA ALA A 144 10.61 -47.00 15.04
C ALA A 144 9.27 -46.36 14.67
N ASP A 145 8.92 -45.34 15.45
CA ASP A 145 7.71 -44.55 15.27
C ASP A 145 7.88 -43.52 14.16
N ARG A 146 6.77 -42.92 13.75
CA ARG A 146 6.76 -41.97 12.62
C ARG A 146 5.97 -40.70 12.95
N PRO A 147 6.46 -39.54 12.49
CA PRO A 147 5.68 -38.30 12.58
C PRO A 147 4.31 -38.43 11.88
N ALA A 148 3.33 -37.77 12.46
CA ALA A 148 1.94 -37.86 11.98
C ALA A 148 1.83 -37.38 10.49
N PHE A 149 2.57 -36.33 10.20
CA PHE A 149 2.59 -35.74 8.86
C PHE A 149 3.08 -36.74 7.81
N ALA A 150 3.93 -37.68 8.22
CA ALA A 150 4.48 -38.68 7.30
C ALA A 150 3.52 -39.80 6.91
N THR A 151 2.57 -40.09 7.79
CA THR A 151 1.60 -41.21 7.59
C THR A 151 0.17 -40.73 7.33
N ASN A 152 -0.02 -39.43 7.42
CA ASN A 152 -1.28 -38.77 7.06
C ASN A 152 -1.57 -39.07 5.58
N GLN A 153 -2.78 -39.54 5.29
CA GLN A 153 -3.18 -39.91 3.91
C GLN A 153 -3.58 -38.71 3.05
N PHE A 154 -3.72 -37.55 3.69
CA PHE A 154 -4.12 -36.29 3.06
C PHE A 154 -5.10 -36.43 1.89
N LEU A 155 -6.24 -37.05 2.17
CA LEU A 155 -7.23 -37.26 1.11
C LEU A 155 -7.67 -35.92 0.52
N ALA A 156 -7.64 -35.83 -0.81
CA ALA A 156 -8.17 -34.65 -1.48
C ALA A 156 -9.62 -34.46 -1.04
N PRO A 157 -9.95 -33.26 -0.59
CA PRO A 157 -11.32 -32.84 -0.30
C PRO A 157 -12.22 -33.01 -1.55
N LYS A 158 -13.52 -33.13 -1.33
CA LYS A 158 -14.43 -33.43 -2.45
C LYS A 158 -14.65 -32.21 -3.37
N ARG A 159 -14.42 -31.02 -2.84
CA ARG A 159 -14.66 -29.80 -3.61
C ARG A 159 -13.68 -29.66 -4.77
N ALA A 160 -14.02 -28.84 -5.76
CA ALA A 160 -13.05 -28.51 -6.82
C ALA A 160 -11.84 -27.84 -6.21
N PRO A 161 -10.67 -28.00 -6.82
CA PRO A 161 -9.44 -27.41 -6.28
C PRO A 161 -9.48 -25.87 -6.14
N ASP A 162 -8.82 -25.37 -5.12
CA ASP A 162 -8.66 -23.91 -4.94
C ASP A 162 -7.70 -23.31 -5.98
N TYR A 163 -6.83 -24.15 -6.52
CA TYR A 163 -5.79 -23.72 -7.42
C TYR A 163 -5.33 -24.91 -8.26
N GLN A 164 -5.04 -24.60 -9.49
CA GLN A 164 -4.45 -25.56 -10.41
C GLN A 164 -3.48 -24.82 -11.32
N VAL A 165 -2.46 -25.56 -11.75
CA VAL A 165 -1.49 -25.08 -12.74
C VAL A 165 -0.86 -26.26 -13.51
N ASP A 166 -0.60 -26.05 -14.80
CA ASP A 166 0.07 -27.06 -15.63
C ASP A 166 1.56 -26.80 -15.73
N VAL A 167 2.33 -27.88 -15.74
CA VAL A 167 3.80 -27.80 -15.77
C VAL A 167 4.32 -28.76 -16.86
N PRO A 168 4.80 -28.20 -17.98
CA PRO A 168 5.41 -29.05 -19.00
C PRO A 168 6.70 -29.67 -18.51
N VAL A 169 6.92 -30.90 -18.94
CA VAL A 169 8.16 -31.62 -18.66
C VAL A 169 8.91 -31.80 -19.96
N SER A 170 10.07 -31.16 -20.05
CA SER A 170 10.91 -31.26 -21.22
C SER A 170 11.24 -32.74 -21.50
N GLU A 171 11.26 -33.12 -22.77
CA GLU A 171 11.74 -34.45 -23.14
C GLU A 171 13.17 -34.74 -22.63
N ASP A 172 13.91 -33.67 -22.35
CA ASP A 172 15.31 -33.78 -21.92
C ASP A 172 15.57 -33.60 -20.43
N LEU A 173 14.50 -33.48 -19.67
CA LEU A 173 14.61 -33.03 -18.29
C LEU A 173 15.30 -34.06 -17.39
N ALA A 174 15.09 -35.35 -17.63
CA ALA A 174 15.71 -36.35 -16.76
C ALA A 174 17.25 -36.35 -16.88
N ALA A 175 17.74 -36.03 -18.07
CA ALA A 175 19.17 -35.90 -18.33
C ALA A 175 19.81 -34.80 -17.54
N LEU A 176 19.06 -33.70 -17.31
CA LEU A 176 19.54 -32.61 -16.52
C LEU A 176 19.33 -32.91 -15.02
N TYR A 177 18.13 -33.35 -14.67
CA TYR A 177 17.76 -33.59 -13.28
C TYR A 177 18.70 -34.61 -12.62
N ARG A 178 19.05 -35.68 -13.33
CA ARG A 178 19.88 -36.76 -12.76
C ARG A 178 21.29 -36.28 -12.31
N LEU A 179 21.71 -35.12 -12.82
CA LEU A 179 23.00 -34.52 -12.44
C LEU A 179 23.01 -34.06 -10.99
N SER A 180 21.82 -33.93 -10.41
CA SER A 180 21.68 -33.63 -8.99
C SER A 180 22.04 -34.79 -8.09
N GLY A 181 22.05 -36.01 -8.62
CA GLY A 181 22.64 -37.12 -7.88
C GLY A 181 22.14 -38.50 -8.17
N ASP A 182 20.88 -38.62 -8.56
CA ASP A 182 20.28 -39.93 -8.84
C ASP A 182 20.54 -40.38 -10.27
N ARG A 183 21.56 -41.19 -10.43
CA ARG A 183 22.03 -41.67 -11.75
C ARG A 183 21.38 -42.95 -12.29
N ASN A 184 20.36 -43.44 -11.57
CA ASN A 184 19.70 -44.70 -11.91
C ASN A 184 19.38 -44.70 -13.41
N PRO A 185 19.93 -45.66 -14.17
CA PRO A 185 19.80 -45.69 -15.63
C PRO A 185 18.38 -45.84 -16.13
N LEU A 186 17.47 -46.20 -15.23
CA LEU A 186 16.04 -46.36 -15.55
C LEU A 186 15.41 -45.09 -16.14
N HIS A 187 15.95 -43.95 -15.72
CA HIS A 187 15.43 -42.65 -16.11
C HIS A 187 15.99 -42.05 -17.41
N ILE A 188 16.86 -42.80 -18.08
CA ILE A 188 17.53 -42.27 -19.28
C ILE A 188 17.89 -43.32 -20.35
N ASP A 189 18.17 -44.55 -19.92
CA ASP A 189 18.55 -45.65 -20.81
C ASP A 189 17.35 -46.56 -21.13
N PRO A 190 16.86 -46.55 -22.37
CA PRO A 190 15.74 -47.43 -22.77
C PRO A 190 15.89 -48.90 -22.39
N ASN A 191 17.10 -49.42 -22.52
CA ASN A 191 17.38 -50.81 -22.13
C ASN A 191 17.06 -51.12 -20.66
N PHE A 192 17.52 -50.27 -19.75
CA PHE A 192 17.19 -50.43 -18.33
C PHE A 192 15.73 -50.12 -18.01
N ALA A 193 15.14 -49.14 -18.68
CA ALA A 193 13.72 -48.84 -18.46
C ALA A 193 12.86 -50.06 -18.80
N LYS A 194 13.14 -50.69 -19.94
CA LYS A 194 12.41 -51.90 -20.34
C LYS A 194 12.72 -53.10 -19.41
N GLY A 195 13.97 -53.17 -18.95
CA GLY A 195 14.39 -54.16 -17.96
C GLY A 195 13.52 -54.07 -16.71
N ALA A 196 13.19 -52.83 -16.34
CA ALA A 196 12.26 -52.53 -15.23
C ALA A 196 10.76 -52.50 -15.64
N LYS A 197 10.45 -53.00 -16.83
CA LYS A 197 9.06 -53.18 -17.30
C LYS A 197 8.31 -51.88 -17.63
N PHE A 198 9.05 -50.88 -18.08
CA PHE A 198 8.46 -49.66 -18.65
C PHE A 198 8.76 -49.62 -20.14
N PRO A 199 7.90 -48.97 -20.93
CA PRO A 199 8.06 -48.97 -22.38
C PRO A 199 9.23 -48.09 -22.83
N LYS A 200 9.53 -47.07 -22.04
CA LYS A 200 10.65 -46.14 -22.31
C LYS A 200 11.07 -45.48 -20.99
N PRO A 201 12.18 -44.76 -20.93
CA PRO A 201 12.57 -44.14 -19.66
C PRO A 201 11.51 -43.23 -19.09
N ILE A 202 11.41 -43.33 -17.76
CA ILE A 202 10.48 -42.55 -16.95
C ILE A 202 11.21 -41.47 -16.20
N LEU A 203 10.51 -40.37 -15.97
CA LEU A 203 11.02 -39.31 -15.14
C LEU A 203 11.14 -39.77 -13.69
N HIS A 204 12.18 -39.27 -13.02
CA HIS A 204 12.34 -39.53 -11.59
C HIS A 204 11.08 -39.07 -10.84
N GLY A 205 10.55 -39.96 -10.01
CA GLY A 205 9.50 -39.59 -9.07
C GLY A 205 9.81 -38.28 -8.29
N MSE A 206 11.03 -38.17 -7.80
CA MSE A 206 11.46 -36.98 -7.06
C MSE A 206 11.50 -35.71 -7.91
O MSE A 206 11.34 -34.61 -7.39
CB MSE A 206 12.81 -37.20 -6.36
CG MSE A 206 12.72 -38.07 -5.11
SE MSE A 206 11.33 -37.47 -3.76
CE MSE A 206 12.02 -35.67 -3.52
N CYS A 207 11.72 -35.83 -9.23
CA CYS A 207 11.61 -34.65 -10.09
C CYS A 207 10.15 -34.20 -10.17
N THR A 208 9.22 -35.15 -10.31
CA THR A 208 7.78 -34.83 -10.33
C THR A 208 7.35 -34.13 -9.02
N TYR A 209 7.87 -34.70 -7.97
CA TYR A 209 7.69 -34.24 -6.60
C TYR A 209 8.13 -32.78 -6.44
N GLY A 210 9.38 -32.53 -6.89
CA GLY A 210 10.01 -31.21 -6.88
C GLY A 210 9.36 -30.22 -7.85
N LEU A 211 9.02 -30.64 -9.05
CA LEU A 211 8.29 -29.77 -9.99
C LEU A 211 6.97 -29.33 -9.35
N SER A 212 6.34 -30.26 -8.64
CA SER A 212 5.09 -29.98 -7.95
C SER A 212 5.34 -28.98 -6.82
N ALA A 213 6.38 -29.24 -6.03
CA ALA A 213 6.73 -28.37 -4.92
C ALA A 213 6.98 -26.94 -5.40
N LYS A 214 7.69 -26.82 -6.50
CA LYS A 214 8.05 -25.51 -7.04
C LYS A 214 6.80 -24.73 -7.46
N ALA A 215 5.91 -25.40 -8.17
CA ALA A 215 4.66 -24.75 -8.58
C ALA A 215 3.85 -24.26 -7.36
N LEU A 216 3.82 -25.10 -6.33
CA LEU A 216 3.10 -24.78 -5.10
C LEU A 216 3.70 -23.58 -4.40
N ILE A 217 5.03 -23.50 -4.35
CA ILE A 217 5.73 -22.36 -3.72
C ILE A 217 5.39 -21.05 -4.43
N ASP A 218 5.37 -21.07 -5.75
CA ASP A 218 5.04 -19.87 -6.54
C ASP A 218 3.69 -19.26 -6.10
N LYS A 219 2.74 -20.14 -5.79
CA LYS A 219 1.38 -19.71 -5.44
C LYS A 219 1.21 -19.43 -3.95
N PHE A 220 1.73 -20.33 -3.12
CA PHE A 220 1.42 -20.34 -1.67
C PHE A 220 2.52 -19.90 -0.74
N GLY A 221 3.72 -19.80 -1.27
CA GLY A 221 4.88 -19.51 -0.46
C GLY A 221 5.67 -20.74 -0.03
N MSE A 222 6.72 -20.49 0.73
CA MSE A 222 7.65 -21.54 1.12
C MSE A 222 7.02 -22.52 2.09
O MSE A 222 6.22 -22.14 2.95
CB MSE A 222 8.92 -20.95 1.73
CG MSE A 222 10.01 -20.67 0.70
SE MSE A 222 10.72 -22.35 -0.06
CE MSE A 222 11.60 -21.71 -1.62
N PHE A 223 7.39 -23.78 1.96
CA PHE A 223 7.04 -24.81 2.95
C PHE A 223 8.28 -25.41 3.64
N ASN A 224 8.07 -25.93 4.85
CA ASN A 224 9.13 -26.63 5.60
C ASN A 224 8.87 -28.13 5.86
N GLU A 225 7.78 -28.64 5.31
CA GLU A 225 7.39 -30.02 5.51
C GLU A 225 6.57 -30.52 4.30
N ILE A 226 6.94 -31.67 3.75
CA ILE A 226 6.23 -32.21 2.59
C ILE A 226 6.13 -33.75 2.64
N LYS A 227 5.00 -34.26 2.19
CA LYS A 227 4.75 -35.70 2.12
C LYS A 227 3.89 -36.01 0.91
N ALA A 228 4.18 -37.15 0.30
CA ALA A 228 3.47 -37.58 -0.90
C ALA A 228 3.61 -39.08 -1.15
N ARG A 229 2.61 -39.61 -1.85
CA ARG A 229 2.61 -40.99 -2.33
C ARG A 229 2.74 -40.98 -3.84
N PHE A 230 3.62 -41.82 -4.37
CA PHE A 230 3.80 -41.95 -5.81
C PHE A 230 2.83 -43.03 -6.33
N THR A 231 1.93 -42.65 -7.25
CA THR A 231 0.87 -43.55 -7.72
C THR A 231 0.82 -43.76 -9.23
N GLY A 232 1.78 -43.20 -9.95
CA GLY A 232 1.74 -43.28 -11.40
C GLY A 232 2.95 -42.70 -12.11
N ILE A 233 3.39 -43.37 -13.17
CA ILE A 233 4.59 -42.94 -13.86
C ILE A 233 4.38 -41.65 -14.62
N VAL A 234 5.50 -40.98 -14.85
CA VAL A 234 5.57 -39.80 -15.71
C VAL A 234 6.70 -39.98 -16.72
N PHE A 235 6.39 -39.69 -17.98
CA PHE A 235 7.39 -39.74 -19.05
C PHE A 235 7.86 -38.34 -19.41
N PRO A 236 9.16 -38.19 -19.64
CA PRO A 236 9.70 -36.95 -20.20
C PRO A 236 8.92 -36.59 -21.42
N GLY A 237 8.56 -35.32 -21.53
CA GLY A 237 7.74 -34.84 -22.64
C GLY A 237 6.27 -34.62 -22.31
N GLU A 238 5.81 -35.18 -21.20
CA GLU A 238 4.40 -35.02 -20.82
C GLU A 238 4.18 -33.73 -20.02
N THR A 239 2.92 -33.45 -19.76
CA THR A 239 2.52 -32.26 -19.03
C THR A 239 1.89 -32.67 -17.72
N LEU A 240 2.39 -32.08 -16.64
CA LEU A 240 1.80 -32.26 -15.31
C LEU A 240 0.66 -31.24 -15.08
N ARG A 241 -0.24 -31.61 -14.18
CA ARG A 241 -1.25 -30.71 -13.66
C ARG A 241 -1.26 -30.84 -12.13
N VAL A 242 -0.85 -29.77 -11.47
CA VAL A 242 -0.93 -29.70 -10.03
C VAL A 242 -2.29 -29.14 -9.63
N LEU A 243 -2.99 -29.92 -8.80
CA LEU A 243 -4.24 -29.53 -8.14
C LEU A 243 -4.00 -29.29 -6.66
N ALA A 244 -4.46 -28.16 -6.15
CA ALA A 244 -4.18 -27.79 -4.76
C ALA A 244 -5.43 -27.34 -4.03
N TRP A 245 -5.50 -27.67 -2.75
CA TRP A 245 -6.61 -27.31 -1.87
C TRP A 245 -6.05 -26.74 -0.53
N LYS A 246 -6.36 -25.49 -0.24
CA LYS A 246 -5.93 -24.84 0.99
C LYS A 246 -6.77 -25.41 2.14
N GLU A 247 -6.12 -26.15 3.04
CA GLU A 247 -6.82 -26.93 4.11
C GLU A 247 -6.57 -26.52 5.56
N SER A 248 -6.35 -25.25 5.77
CA SER A 248 -6.03 -24.65 7.08
C SER A 248 -5.05 -23.52 6.69
N ASP A 249 -4.74 -22.60 7.59
CA ASP A 249 -3.75 -21.53 7.30
C ASP A 249 -2.32 -22.10 7.01
N ASP A 250 -2.13 -23.35 7.42
CA ASP A 250 -0.88 -24.08 7.48
C ASP A 250 -0.65 -25.06 6.32
N THR A 251 -1.70 -25.72 5.88
CA THR A 251 -1.58 -26.96 5.10
C THR A 251 -2.23 -26.90 3.73
N ILE A 252 -1.43 -27.19 2.71
CA ILE A 252 -1.94 -27.25 1.33
C ILE A 252 -1.90 -28.71 0.89
N VAL A 253 -3.07 -29.26 0.60
CA VAL A 253 -3.20 -30.63 0.09
C VAL A 253 -3.12 -30.56 -1.42
N PHE A 254 -2.48 -31.55 -2.01
CA PHE A 254 -2.31 -31.56 -3.46
C PHE A 254 -2.31 -32.97 -4.07
N GLN A 255 -2.51 -32.96 -5.36
CA GLN A 255 -2.35 -34.12 -6.24
C GLN A 255 -1.59 -33.65 -7.48
N THR A 256 -0.88 -34.55 -8.11
CA THR A 256 -0.28 -34.24 -9.40
C THR A 256 -0.73 -35.23 -10.44
N HIS A 257 -1.36 -34.70 -11.48
CA HIS A 257 -1.94 -35.48 -12.55
C HIS A 257 -1.07 -35.39 -13.76
N VAL A 258 -1.16 -36.42 -14.60
CA VAL A 258 -0.58 -36.39 -15.93
C VAL A 258 -1.67 -36.11 -17.01
N VAL A 259 -1.60 -34.91 -17.58
CA VAL A 259 -2.63 -34.43 -18.51
C VAL A 259 -2.77 -35.36 -19.73
N ASP A 260 -1.63 -35.79 -20.26
CA ASP A 260 -1.58 -36.59 -21.50
C ASP A 260 -2.30 -37.93 -21.43
N ARG A 261 -2.30 -38.57 -20.26
CA ARG A 261 -2.89 -39.93 -20.14
C ARG A 261 -4.06 -39.99 -19.14
N GLY A 262 -4.36 -38.86 -18.53
CA GLY A 262 -5.44 -38.79 -17.54
C GLY A 262 -5.22 -39.67 -16.33
N THR A 263 -3.98 -39.70 -15.84
CA THR A 263 -3.63 -40.48 -14.64
C THR A 263 -3.21 -39.57 -13.50
N ILE A 264 -3.09 -40.16 -12.32
CA ILE A 264 -2.53 -39.49 -11.12
C ILE A 264 -1.15 -40.03 -10.78
N ALA A 265 -0.17 -39.13 -10.89
CA ALA A 265 1.23 -39.42 -10.59
C ALA A 265 1.57 -39.24 -9.11
N ILE A 266 0.93 -38.28 -8.49
CA ILE A 266 1.14 -38.04 -7.05
C ILE A 266 -0.21 -37.80 -6.38
N ASN A 267 -0.42 -38.53 -5.30
CA ASN A 267 -1.64 -38.44 -4.51
C ASN A 267 -1.27 -38.49 -3.01
N ASN A 268 -2.28 -38.35 -2.17
CA ASN A 268 -2.13 -38.44 -0.71
C ASN A 268 -1.01 -37.54 -0.23
N ALA A 269 -1.05 -36.29 -0.65
CA ALA A 269 0.09 -35.38 -0.55
C ALA A 269 -0.26 -34.02 0.05
N ALA A 270 0.68 -33.45 0.78
CA ALA A 270 0.52 -32.09 1.33
C ALA A 270 1.85 -31.41 1.63
N ILE A 271 1.82 -30.09 1.75
CA ILE A 271 2.92 -29.27 2.29
C ILE A 271 2.45 -28.48 3.50
N LYS A 272 3.37 -28.22 4.42
CA LYS A 272 3.13 -27.32 5.56
C LYS A 272 3.86 -26.00 5.33
N LEU A 273 3.10 -24.92 5.20
CA LEU A 273 3.67 -23.60 4.90
C LEU A 273 4.46 -23.08 6.09
N VAL A 274 5.55 -22.37 5.78
CA VAL A 274 6.38 -21.71 6.81
C VAL A 274 5.62 -20.50 7.37
N GLY A 275 6.06 -19.98 8.51
CA GLY A 275 5.38 -18.86 9.16
C GLY A 275 5.75 -17.46 8.67
N PRO B 5 48.63 -25.62 -11.44
CA PRO B 5 47.15 -25.39 -11.61
C PRO B 5 46.41 -26.62 -12.11
N VAL B 6 45.80 -27.33 -11.17
CA VAL B 6 45.18 -28.63 -11.44
C VAL B 6 43.66 -28.59 -11.43
N TRP B 7 43.07 -29.13 -12.49
CA TRP B 7 41.61 -29.24 -12.64
C TRP B 7 41.16 -30.69 -12.75
N ARG B 8 40.36 -31.10 -11.77
CA ARG B 8 39.77 -32.45 -11.71
C ARG B 8 38.33 -32.34 -12.19
N PHE B 9 38.01 -33.09 -13.22
CA PHE B 9 36.68 -33.03 -13.82
C PHE B 9 36.13 -34.46 -14.01
N ASP B 10 34.83 -34.55 -14.14
CA ASP B 10 34.15 -35.85 -14.25
C ASP B 10 32.92 -35.78 -15.16
N ASP B 11 32.16 -36.88 -15.22
CA ASP B 11 31.12 -36.98 -16.27
C ASP B 11 30.04 -35.90 -16.06
N ARG B 12 29.92 -35.41 -14.84
CA ARG B 12 28.93 -34.38 -14.50
C ARG B 12 29.27 -33.03 -15.13
N ASP B 13 30.55 -32.68 -15.12
CA ASP B 13 31.03 -31.50 -15.86
C ASP B 13 30.80 -31.60 -17.36
N VAL B 14 31.11 -32.78 -17.89
CA VAL B 14 30.98 -33.07 -19.31
C VAL B 14 29.53 -32.95 -19.72
N ILE B 15 28.64 -33.59 -18.98
CA ILE B 15 27.22 -33.59 -19.38
C ILE B 15 26.60 -32.22 -19.18
N LEU B 16 26.92 -31.55 -18.08
CA LEU B 16 26.39 -30.20 -17.85
C LEU B 16 26.77 -29.27 -19.03
N TYR B 17 28.01 -29.37 -19.47
CA TYR B 17 28.49 -28.57 -20.58
C TYR B 17 27.80 -28.94 -21.90
N ASN B 18 27.78 -30.23 -22.22
CA ASN B 18 27.16 -30.72 -23.47
C ASN B 18 25.68 -30.29 -23.59
N ILE B 19 24.95 -30.41 -22.48
CA ILE B 19 23.52 -30.03 -22.44
C ILE B 19 23.37 -28.53 -22.70
N ALA B 20 24.25 -27.73 -22.10
CA ALA B 20 24.26 -26.29 -22.34
C ALA B 20 24.52 -25.92 -23.81
N LEU B 21 25.18 -26.79 -24.56
CA LEU B 21 25.41 -26.58 -25.99
C LEU B 21 24.34 -27.25 -26.89
N GLY B 22 23.32 -27.80 -26.28
CA GLY B 22 22.13 -28.30 -26.98
C GLY B 22 22.03 -29.81 -27.12
N ALA B 23 22.91 -30.54 -26.43
CA ALA B 23 22.84 -31.99 -26.44
C ALA B 23 21.53 -32.47 -25.84
N THR B 24 20.86 -33.36 -26.57
CA THR B 24 19.57 -33.90 -26.14
C THR B 24 19.66 -35.31 -25.68
N THR B 25 18.55 -35.78 -25.10
CA THR B 25 18.41 -37.17 -24.68
C THR B 25 18.39 -38.16 -25.85
N LYS B 26 18.04 -37.71 -27.04
CA LYS B 26 18.24 -38.53 -28.26
C LYS B 26 19.73 -38.86 -28.47
N GLN B 27 20.58 -37.91 -28.15
CA GLN B 27 22.02 -38.11 -28.24
C GLN B 27 22.59 -38.54 -26.91
N LEU B 28 22.38 -39.82 -26.59
CA LEU B 28 22.90 -40.41 -25.33
C LEU B 28 24.42 -40.37 -25.25
N LYS B 29 25.07 -40.35 -26.41
CA LYS B 29 26.53 -40.22 -26.46
C LYS B 29 27.03 -38.94 -25.76
N TYR B 30 26.21 -37.91 -25.70
CA TYR B 30 26.54 -36.64 -25.03
C TYR B 30 26.05 -36.51 -23.58
N VAL B 31 24.94 -37.18 -23.26
CA VAL B 31 24.23 -36.93 -22.01
C VAL B 31 24.20 -38.09 -21.04
N TYR B 32 24.82 -39.20 -21.43
CA TYR B 32 24.71 -40.41 -20.65
C TYR B 32 26.07 -41.08 -20.51
N GLU B 33 26.61 -41.05 -19.30
CA GLU B 33 27.98 -41.57 -19.00
C GLU B 33 28.22 -43.05 -19.35
N ASN B 34 27.17 -43.86 -19.39
CA ASN B 34 27.34 -45.29 -19.74
C ASN B 34 27.13 -45.59 -21.23
N ASP B 35 26.85 -44.59 -22.06
CA ASP B 35 26.71 -44.86 -23.48
C ASP B 35 28.06 -45.35 -24.02
N SER B 36 28.03 -46.32 -24.92
CA SER B 36 29.28 -46.84 -25.52
C SER B 36 30.17 -45.77 -26.19
N ASP B 37 29.56 -44.70 -26.66
CA ASP B 37 30.28 -43.62 -27.33
C ASP B 37 30.25 -42.35 -26.48
N PHE B 38 30.18 -42.50 -25.16
CA PHE B 38 30.11 -41.33 -24.29
C PHE B 38 31.28 -40.39 -24.61
N GLN B 39 31.00 -39.10 -24.81
CA GLN B 39 32.00 -38.16 -25.37
C GLN B 39 31.71 -36.71 -24.99
N VAL B 40 32.78 -35.92 -24.94
CA VAL B 40 32.68 -34.47 -24.69
C VAL B 40 32.85 -33.67 -25.99
N ILE B 41 32.03 -32.64 -26.12
CA ILE B 41 32.15 -31.66 -27.20
C ILE B 41 33.45 -30.88 -26.95
N PRO B 42 34.37 -30.91 -27.91
CA PRO B 42 35.78 -30.56 -27.66
C PRO B 42 36.09 -29.13 -27.19
N THR B 43 35.17 -28.19 -27.41
CA THR B 43 35.34 -26.82 -26.89
C THR B 43 35.42 -26.76 -25.35
N PHE B 44 34.95 -27.81 -24.71
CA PHE B 44 35.15 -28.05 -23.25
C PHE B 44 36.57 -27.73 -22.76
N GLY B 45 37.57 -27.98 -23.60
CA GLY B 45 38.95 -27.69 -23.26
C GLY B 45 39.30 -26.26 -22.89
N HIS B 46 38.50 -25.28 -23.30
CA HIS B 46 38.78 -23.89 -22.91
C HIS B 46 38.53 -23.59 -21.43
N LEU B 47 37.72 -24.43 -20.79
CA LEU B 47 37.25 -24.21 -19.39
C LEU B 47 38.33 -24.19 -18.33
N ILE B 48 39.54 -24.59 -18.68
CA ILE B 48 40.72 -24.44 -17.80
C ILE B 48 40.89 -22.99 -17.32
N THR B 49 40.42 -22.05 -18.12
CA THR B 49 40.34 -20.65 -17.75
C THR B 49 39.78 -20.43 -16.34
N PHE B 50 38.71 -21.17 -16.03
CA PHE B 50 37.94 -21.00 -14.78
C PHE B 50 38.26 -22.01 -13.69
N ASN B 51 39.15 -22.94 -13.99
CA ASN B 51 39.63 -23.95 -13.04
C ASN B 51 41.15 -23.97 -12.88
N SER B 52 41.81 -22.89 -13.29
CA SER B 52 43.24 -22.75 -13.10
C SER B 52 43.50 -21.49 -12.23
N GLY B 53 42.71 -21.44 -11.14
CA GLY B 53 42.55 -20.39 -10.12
C GLY B 53 43.45 -19.23 -9.72
N LYS B 54 44.06 -18.53 -10.67
CA LYS B 54 44.90 -17.34 -10.38
C LYS B 54 45.93 -17.17 -11.50
N SER B 55 46.53 -18.30 -11.81
CA SER B 55 47.46 -18.49 -12.95
C SER B 55 46.93 -17.95 -14.29
N GLN B 56 45.61 -18.06 -14.50
CA GLN B 56 44.92 -17.66 -15.75
C GLN B 56 45.22 -16.22 -16.21
N ASN B 57 45.46 -15.36 -15.22
CA ASN B 57 45.72 -13.91 -15.42
C ASN B 57 47.20 -13.52 -15.55
N SER B 58 48.03 -14.49 -15.96
CA SER B 58 49.51 -14.34 -16.04
C SER B 58 50.01 -13.36 -17.09
N PHE B 59 49.15 -13.03 -18.04
CA PHE B 59 49.50 -12.04 -19.08
C PHE B 59 49.60 -10.59 -18.53
N ALA B 60 48.91 -10.36 -17.41
CA ALA B 60 48.76 -9.03 -16.79
C ALA B 60 50.07 -8.36 -16.37
N LYS B 61 51.08 -9.18 -16.08
CA LYS B 61 52.43 -8.71 -15.69
C LYS B 61 53.16 -7.96 -16.81
N LEU B 62 52.71 -8.22 -18.04
CA LEU B 62 53.25 -7.63 -19.26
C LEU B 62 52.54 -6.33 -19.61
N LEU B 63 51.37 -6.14 -19.01
CA LEU B 63 50.57 -4.93 -19.19
C LEU B 63 50.84 -3.84 -18.15
N ARG B 64 50.54 -2.61 -18.55
CA ARG B 64 50.52 -1.45 -17.63
C ARG B 64 49.19 -0.70 -17.76
N ASN B 65 48.77 -0.07 -16.66
CA ASN B 65 47.48 0.64 -16.60
C ASN B 65 46.31 -0.27 -16.99
N PHE B 66 46.43 -1.53 -16.60
CA PHE B 66 45.45 -2.56 -17.00
C PHE B 66 44.15 -2.47 -16.20
N ASN B 67 43.07 -2.18 -16.93
CA ASN B 67 41.71 -2.11 -16.37
C ASN B 67 40.92 -3.26 -16.96
N PRO B 68 40.44 -4.20 -16.12
CA PRO B 68 39.78 -5.42 -16.59
C PRO B 68 38.45 -5.16 -17.27
N MSE B 69 37.81 -4.06 -16.88
CA MSE B 69 36.49 -3.71 -17.44
C MSE B 69 36.58 -3.28 -18.91
O MSE B 69 35.59 -3.29 -19.61
CB MSE B 69 35.82 -2.62 -16.60
CG MSE B 69 34.33 -2.88 -16.27
SE MSE B 69 33.84 -4.67 -15.62
CE MSE B 69 32.22 -4.83 -16.65
N LEU B 70 37.80 -2.93 -19.34
CA LEU B 70 38.09 -2.48 -20.71
C LEU B 70 38.66 -3.60 -21.61
N LEU B 71 38.73 -4.81 -21.07
CA LEU B 71 39.21 -5.98 -21.82
C LEU B 71 38.07 -6.63 -22.61
N LEU B 72 38.38 -7.02 -23.85
CA LEU B 72 37.46 -7.78 -24.71
C LEU B 72 38.11 -9.06 -25.28
N HIS B 73 37.38 -10.17 -25.17
CA HIS B 73 37.75 -11.44 -25.79
C HIS B 73 37.37 -11.40 -27.28
N GLY B 74 38.35 -11.15 -28.14
CA GLY B 74 38.12 -10.95 -29.57
C GLY B 74 38.25 -12.17 -30.45
N GLU B 75 39.16 -13.08 -30.10
CA GLU B 75 39.35 -14.35 -30.83
C GLU B 75 39.67 -15.50 -29.88
N HIS B 76 39.28 -16.70 -30.29
CA HIS B 76 39.65 -17.95 -29.63
C HIS B 76 39.95 -19.09 -30.59
N TYR B 77 41.02 -19.78 -30.22
CA TYR B 77 41.59 -20.90 -30.95
C TYR B 77 41.78 -22.00 -29.92
N LEU B 78 41.35 -23.19 -30.33
CA LEU B 78 41.48 -24.38 -29.51
C LEU B 78 41.95 -25.58 -30.35
N LYS B 79 42.87 -26.36 -29.80
CA LYS B 79 43.27 -27.63 -30.39
C LYS B 79 43.22 -28.80 -29.39
N VAL B 80 42.72 -29.94 -29.89
CA VAL B 80 42.76 -31.21 -29.17
C VAL B 80 43.88 -32.07 -29.78
N HIS B 81 44.84 -32.46 -28.95
CA HIS B 81 46.05 -33.19 -29.37
C HIS B 81 46.02 -34.68 -29.09
N SER B 82 45.03 -35.09 -28.30
CA SER B 82 44.82 -36.48 -27.90
C SER B 82 43.37 -36.85 -28.14
N TRP B 83 43.16 -37.70 -29.14
CA TRP B 83 41.82 -38.06 -29.64
C TRP B 83 41.36 -39.47 -29.23
N PRO B 84 40.18 -39.63 -28.63
CA PRO B 84 39.23 -38.55 -28.32
C PRO B 84 39.57 -37.93 -26.98
N PRO B 85 39.12 -36.70 -26.74
CA PRO B 85 39.43 -36.03 -25.47
C PRO B 85 38.78 -36.75 -24.33
N PRO B 86 39.34 -36.64 -23.13
CA PRO B 86 38.82 -37.37 -22.00
C PRO B 86 37.58 -36.73 -21.41
N THR B 87 36.78 -37.63 -20.87
CA THR B 87 35.50 -37.30 -20.24
C THR B 87 35.59 -37.34 -18.73
N GLU B 88 36.73 -37.75 -18.23
CA GLU B 88 37.03 -37.57 -16.81
C GLU B 88 38.52 -37.51 -16.61
N GLY B 89 38.91 -36.89 -15.51
CA GLY B 89 40.31 -36.90 -15.14
C GLY B 89 40.85 -35.65 -14.51
N GLU B 90 42.17 -35.57 -14.54
CA GLU B 90 42.91 -34.53 -13.85
C GLU B 90 43.88 -33.91 -14.84
N ILE B 91 43.76 -32.61 -15.07
CA ILE B 91 44.67 -31.94 -16.03
C ILE B 91 45.42 -30.75 -15.43
N LYS B 92 46.68 -30.63 -15.83
CA LYS B 92 47.55 -29.53 -15.43
C LYS B 92 47.75 -28.57 -16.58
N THR B 93 47.48 -27.30 -16.32
CA THR B 93 47.58 -26.26 -17.34
C THR B 93 48.76 -25.31 -17.05
N THR B 94 49.55 -25.08 -18.10
CA THR B 94 50.64 -24.12 -18.11
C THR B 94 50.20 -22.97 -19.00
N PHE B 95 50.26 -21.75 -18.47
CA PHE B 95 49.93 -20.52 -19.21
C PHE B 95 51.20 -19.77 -19.63
N GLU B 96 51.21 -19.26 -20.86
CA GLU B 96 52.35 -18.51 -21.42
C GLU B 96 51.86 -17.48 -22.44
N PRO B 97 52.24 -16.22 -22.28
CA PRO B 97 52.00 -15.24 -23.34
C PRO B 97 52.65 -15.65 -24.66
N ILE B 98 51.95 -15.32 -25.73
CA ILE B 98 52.34 -15.63 -27.11
C ILE B 98 52.78 -14.37 -27.86
N ALA B 99 52.07 -13.27 -27.62
CA ALA B 99 52.37 -12.00 -28.28
C ALA B 99 51.73 -10.81 -27.57
N THR B 100 52.41 -9.68 -27.61
CA THR B 100 51.81 -8.40 -27.21
C THR B 100 52.08 -7.35 -28.28
N THR B 101 51.03 -6.68 -28.70
CA THR B 101 51.08 -5.73 -29.81
C THR B 101 50.41 -4.41 -29.44
N PRO B 102 51.22 -3.41 -29.11
CA PRO B 102 50.73 -2.05 -28.90
C PRO B 102 50.08 -1.48 -30.14
N LYS B 103 48.89 -0.92 -29.94
CA LYS B 103 48.09 -0.31 -30.99
C LYS B 103 47.45 1.00 -30.49
N GLY B 104 48.07 2.12 -30.80
CA GLY B 104 47.61 3.40 -30.30
C GLY B 104 47.60 3.45 -28.78
N THR B 105 46.43 3.70 -28.17
CA THR B 105 46.28 3.74 -26.70
C THR B 105 45.89 2.40 -26.09
N ASN B 106 45.79 1.40 -26.96
CA ASN B 106 45.34 0.05 -26.61
C ASN B 106 46.42 -1.02 -26.81
N VAL B 107 46.10 -2.24 -26.42
CA VAL B 107 46.97 -3.40 -26.66
C VAL B 107 46.14 -4.61 -27.08
N VAL B 108 46.70 -5.35 -28.03
CA VAL B 108 46.20 -6.68 -28.37
C VAL B 108 47.15 -7.73 -27.81
N ILE B 109 46.65 -8.53 -26.88
CA ILE B 109 47.42 -9.61 -26.31
C ILE B 109 46.91 -10.98 -26.74
N VAL B 110 47.83 -11.83 -27.18
CA VAL B 110 47.55 -13.25 -27.43
C VAL B 110 48.11 -14.06 -26.27
N HIS B 111 47.21 -14.71 -25.54
CA HIS B 111 47.56 -15.49 -24.35
C HIS B 111 47.33 -16.98 -24.60
N GLY B 112 48.40 -17.75 -24.45
CA GLY B 112 48.34 -19.18 -24.76
C GLY B 112 48.28 -20.07 -23.54
N SER B 113 47.67 -21.23 -23.70
CA SER B 113 47.77 -22.29 -22.68
C SER B 113 47.89 -23.70 -23.23
N LYS B 114 48.49 -24.55 -22.40
CA LYS B 114 48.65 -25.96 -22.70
C LYS B 114 48.21 -26.80 -21.49
N SER B 115 47.28 -27.71 -21.75
CA SER B 115 46.74 -28.57 -20.73
C SER B 115 47.15 -30.02 -20.98
N VAL B 116 47.81 -30.59 -19.99
CA VAL B 116 48.31 -31.96 -20.07
C VAL B 116 47.69 -32.85 -19.01
N ASP B 117 47.78 -34.16 -19.22
CA ASP B 117 47.30 -35.14 -18.27
C ASP B 117 48.25 -35.11 -17.06
N ASN B 118 47.68 -34.82 -15.91
CA ASN B 118 48.48 -34.63 -14.71
C ASN B 118 49.22 -35.89 -14.21
N LYS B 119 48.72 -37.06 -14.60
CA LYS B 119 49.34 -38.34 -14.18
C LYS B 119 50.12 -39.06 -15.28
N SER B 120 50.27 -38.45 -16.45
CA SER B 120 51.15 -38.99 -17.51
C SER B 120 51.94 -37.92 -18.29
N GLY B 121 51.49 -36.68 -18.25
CA GLY B 121 52.13 -35.58 -18.98
C GLY B 121 51.71 -35.47 -20.44
N GLU B 122 50.79 -36.34 -20.86
CA GLU B 122 50.28 -36.31 -22.24
C GLU B 122 49.52 -35.02 -22.56
N LEU B 123 49.95 -34.33 -23.60
CA LEU B 123 49.25 -33.14 -24.09
C LEU B 123 47.81 -33.45 -24.55
N ILE B 124 46.84 -32.81 -23.92
CA ILE B 124 45.42 -33.01 -24.25
C ILE B 124 44.82 -31.86 -25.05
N TYR B 125 44.76 -30.69 -24.43
CA TYR B 125 44.30 -29.48 -25.13
C TYR B 125 45.40 -28.43 -25.22
N SER B 126 45.28 -27.58 -26.23
CA SER B 126 45.89 -26.26 -26.22
C SER B 126 44.86 -25.15 -26.58
N ASN B 127 45.02 -23.98 -25.96
CA ASN B 127 44.21 -22.81 -26.26
C ASN B 127 45.09 -21.59 -26.59
N GLU B 128 44.60 -20.78 -27.51
CA GLU B 128 45.10 -19.43 -27.74
C GLU B 128 43.93 -18.44 -27.77
N ALA B 129 43.91 -17.58 -26.75
CA ALA B 129 42.94 -16.49 -26.64
C ALA B 129 43.56 -15.15 -27.03
N THR B 130 42.84 -14.39 -27.85
CA THR B 130 43.21 -13.03 -28.21
C THR B 130 42.33 -12.03 -27.43
N TYR B 131 43.00 -11.14 -26.71
CA TYR B 131 42.32 -10.10 -25.95
C TYR B 131 42.65 -8.73 -26.49
N PHE B 132 41.62 -7.90 -26.59
CA PHE B 132 41.75 -6.49 -26.96
C PHE B 132 41.48 -5.61 -25.75
N ILE B 133 42.46 -4.83 -25.34
CA ILE B 133 42.36 -4.03 -24.11
C ILE B 133 42.54 -2.54 -24.36
N ARG B 134 41.49 -1.78 -24.07
CA ARG B 134 41.49 -0.33 -24.22
C ARG B 134 42.29 0.34 -23.09
N ASN B 135 42.96 1.44 -23.46
CA ASN B 135 43.64 2.33 -22.52
C ASN B 135 44.62 1.55 -21.65
N CYS B 136 45.47 0.84 -22.37
CA CYS B 136 46.45 -0.07 -21.82
C CYS B 136 47.72 0.12 -22.64
N GLN B 137 48.86 -0.04 -21.98
CA GLN B 137 50.16 0.03 -22.64
C GLN B 137 50.85 -1.31 -22.50
N ALA B 138 51.71 -1.60 -23.46
CA ALA B 138 52.57 -2.78 -23.40
C ALA B 138 53.75 -2.69 -24.35
N ASP B 139 54.71 -3.58 -24.14
CA ASP B 139 55.85 -3.71 -25.05
C ASP B 139 55.41 -4.40 -26.34
N ASN B 140 56.05 -4.02 -27.45
CA ASN B 140 55.86 -4.70 -28.74
C ASN B 140 56.70 -5.98 -28.85
N LYS B 141 56.13 -7.11 -28.44
CA LYS B 141 56.88 -8.38 -28.38
C LYS B 141 56.16 -9.60 -28.95
N VAL B 142 56.96 -10.52 -29.47
CA VAL B 142 56.49 -11.84 -29.93
C VAL B 142 57.28 -12.98 -29.25
N TYR B 143 56.59 -13.71 -28.38
CA TYR B 143 57.19 -14.74 -27.51
C TYR B 143 57.20 -16.13 -28.15
N ALA B 144 56.21 -16.39 -28.99
CA ALA B 144 56.09 -17.68 -29.69
C ALA B 144 55.42 -17.54 -31.07
N ASP B 145 55.77 -18.48 -31.96
CA ASP B 145 55.08 -18.63 -33.26
C ASP B 145 53.71 -19.23 -33.02
N ARG B 146 52.81 -18.97 -33.96
CA ARG B 146 51.43 -19.46 -33.90
C ARG B 146 51.08 -20.38 -35.08
N PRO B 147 50.26 -21.38 -34.82
CA PRO B 147 49.73 -22.24 -35.89
C PRO B 147 48.97 -21.44 -36.94
N ALA B 148 49.08 -21.87 -38.20
CA ALA B 148 48.42 -21.21 -39.35
C ALA B 148 46.90 -21.11 -39.16
N PHE B 149 46.34 -22.17 -38.62
CA PHE B 149 44.90 -22.25 -38.35
C PHE B 149 44.41 -21.16 -37.37
N ALA B 150 45.27 -20.83 -36.41
CA ALA B 150 44.99 -19.80 -35.40
C ALA B 150 44.91 -18.37 -35.95
N THR B 151 45.63 -18.09 -37.03
CA THR B 151 45.71 -16.74 -37.58
C THR B 151 45.03 -16.60 -38.94
N ASN B 152 44.56 -17.73 -39.47
CA ASN B 152 43.81 -17.76 -40.72
C ASN B 152 42.50 -16.93 -40.56
N GLN B 153 42.26 -16.07 -41.55
CA GLN B 153 41.07 -15.18 -41.57
C GLN B 153 39.80 -15.93 -42.05
N PHE B 154 39.97 -17.11 -42.63
CA PHE B 154 38.85 -17.98 -42.98
C PHE B 154 37.68 -17.20 -43.60
N LEU B 155 37.99 -16.39 -44.61
CA LEU B 155 36.96 -15.60 -45.30
C LEU B 155 35.97 -16.52 -46.03
N ALA B 156 34.68 -16.29 -45.78
CA ALA B 156 33.64 -17.07 -46.44
C ALA B 156 33.71 -16.88 -47.95
N PRO B 157 33.82 -17.97 -48.71
CA PRO B 157 33.93 -17.88 -50.16
C PRO B 157 32.66 -17.27 -50.73
N LYS B 158 32.80 -16.71 -51.92
CA LYS B 158 31.70 -16.06 -52.61
C LYS B 158 30.84 -17.06 -53.42
N ARG B 159 30.18 -17.93 -52.65
CA ARG B 159 29.18 -18.87 -53.14
C ARG B 159 28.14 -19.18 -52.04
N ALA B 160 27.09 -19.91 -52.40
CA ALA B 160 26.09 -20.30 -51.40
C ALA B 160 26.74 -21.20 -50.34
N PRO B 161 26.32 -21.02 -49.10
CA PRO B 161 26.68 -21.92 -48.01
C PRO B 161 26.22 -23.33 -48.36
N ASP B 162 27.06 -24.31 -48.06
CA ASP B 162 26.74 -25.73 -48.21
C ASP B 162 25.75 -26.16 -47.18
N TYR B 163 25.75 -25.43 -46.06
CA TYR B 163 24.86 -25.77 -44.95
C TYR B 163 24.39 -24.54 -44.20
N GLN B 164 23.15 -24.64 -43.73
CA GLN B 164 22.49 -23.62 -42.89
C GLN B 164 21.60 -24.30 -41.84
N VAL B 165 21.79 -23.90 -40.59
CA VAL B 165 20.97 -24.40 -39.49
C VAL B 165 20.68 -23.29 -38.50
N ASP B 166 19.44 -23.27 -38.03
CA ASP B 166 18.98 -22.34 -37.00
C ASP B 166 19.04 -23.01 -35.64
N VAL B 167 19.53 -22.27 -34.66
CA VAL B 167 19.71 -22.76 -33.30
C VAL B 167 19.05 -21.77 -32.36
N PRO B 168 17.82 -22.04 -31.94
CA PRO B 168 17.18 -21.20 -30.92
C PRO B 168 17.99 -21.23 -29.61
N VAL B 169 18.16 -20.06 -29.02
CA VAL B 169 18.88 -19.95 -27.74
C VAL B 169 17.81 -19.76 -26.66
N SER B 170 17.71 -20.70 -25.73
CA SER B 170 16.74 -20.56 -24.64
C SER B 170 16.97 -19.22 -23.97
N GLU B 171 15.89 -18.59 -23.59
CA GLU B 171 15.94 -17.38 -22.73
C GLU B 171 16.71 -17.58 -21.40
N ASP B 172 16.82 -18.83 -20.96
CA ASP B 172 17.50 -19.19 -19.72
C ASP B 172 18.82 -19.91 -19.91
N LEU B 173 19.34 -19.93 -21.12
CA LEU B 173 20.51 -20.74 -21.41
C LEU B 173 21.76 -20.22 -20.67
N ALA B 174 21.91 -18.90 -20.59
CA ALA B 174 23.07 -18.32 -19.88
C ALA B 174 23.10 -18.79 -18.42
N ALA B 175 21.92 -18.98 -17.83
CA ALA B 175 21.80 -19.40 -16.44
C ALA B 175 22.34 -20.79 -16.21
N LEU B 176 22.19 -21.63 -17.21
CA LEU B 176 22.70 -23.00 -17.17
C LEU B 176 24.18 -23.04 -17.58
N TYR B 177 24.49 -22.37 -18.70
CA TYR B 177 25.83 -22.38 -19.26
C TYR B 177 26.90 -21.90 -18.25
N ARG B 178 26.58 -20.84 -17.50
CA ARG B 178 27.50 -20.26 -16.51
C ARG B 178 27.91 -21.24 -15.42
N LEU B 179 27.10 -22.29 -15.20
CA LEU B 179 27.47 -23.34 -14.24
C LEU B 179 28.70 -24.13 -14.71
N SER B 180 29.11 -23.96 -15.96
CA SER B 180 30.35 -24.59 -16.44
C SER B 180 31.61 -23.81 -16.01
N GLY B 181 31.45 -22.60 -15.48
CA GLY B 181 32.57 -21.89 -14.84
C GLY B 181 32.52 -20.37 -14.88
N ASP B 182 32.00 -19.81 -15.98
CA ASP B 182 32.05 -18.35 -16.16
C ASP B 182 30.83 -17.65 -15.54
N ARG B 183 31.05 -17.11 -14.36
CA ARG B 183 30.00 -16.47 -13.53
C ARG B 183 29.79 -14.95 -13.76
N ASN B 184 30.45 -14.44 -14.79
CA ASN B 184 30.43 -13.01 -15.09
C ASN B 184 28.99 -12.47 -15.00
N PRO B 185 28.72 -11.46 -14.19
CA PRO B 185 27.35 -10.98 -14.03
C PRO B 185 26.72 -10.35 -15.28
N LEU B 186 27.55 -10.05 -16.29
CA LEU B 186 27.09 -9.50 -17.54
C LEU B 186 26.09 -10.48 -18.22
N HIS B 187 26.23 -11.77 -17.90
CA HIS B 187 25.45 -12.83 -18.54
C HIS B 187 24.17 -13.23 -17.79
N ILE B 188 23.93 -12.59 -16.64
CA ILE B 188 22.87 -13.04 -15.72
C ILE B 188 22.15 -11.94 -14.93
N ASP B 189 22.85 -10.88 -14.56
CA ASP B 189 22.31 -9.81 -13.72
C ASP B 189 21.89 -8.58 -14.54
N PRO B 190 20.59 -8.33 -14.74
CA PRO B 190 20.12 -7.18 -15.56
C PRO B 190 20.62 -5.82 -15.06
N ASN B 191 20.79 -5.71 -13.76
CA ASN B 191 21.27 -4.47 -13.15
C ASN B 191 22.69 -4.16 -13.59
N PHE B 192 23.51 -5.19 -13.53
CA PHE B 192 24.91 -5.09 -13.98
C PHE B 192 25.03 -4.80 -15.47
N ALA B 193 24.24 -5.55 -16.24
CA ALA B 193 24.24 -5.48 -17.69
C ALA B 193 23.79 -4.13 -18.20
N LYS B 194 22.70 -3.64 -17.67
CA LYS B 194 22.17 -2.34 -18.05
C LYS B 194 23.05 -1.22 -17.51
N GLY B 195 23.55 -1.43 -16.31
CA GLY B 195 24.57 -0.55 -15.75
C GLY B 195 25.77 -0.40 -16.67
N ALA B 196 26.09 -1.48 -17.40
CA ALA B 196 27.18 -1.53 -18.38
C ALA B 196 26.75 -1.10 -19.80
N LYS B 197 25.58 -0.48 -19.89
CA LYS B 197 25.08 0.12 -21.14
C LYS B 197 24.59 -0.91 -22.18
N PHE B 198 24.39 -2.15 -21.70
CA PHE B 198 23.73 -3.20 -22.46
C PHE B 198 22.23 -3.13 -22.16
N PRO B 199 21.41 -3.44 -23.17
CA PRO B 199 19.94 -3.47 -23.05
C PRO B 199 19.43 -4.47 -22.03
N LYS B 200 20.15 -5.58 -21.90
CA LYS B 200 19.87 -6.61 -20.89
C LYS B 200 21.05 -7.60 -20.89
N PRO B 201 21.06 -8.61 -20.03
CA PRO B 201 22.19 -9.53 -19.98
C PRO B 201 22.40 -10.27 -21.30
N ILE B 202 23.68 -10.43 -21.66
CA ILE B 202 24.07 -11.07 -22.91
C ILE B 202 24.50 -12.51 -22.70
N LEU B 203 24.37 -13.28 -23.75
CA LEU B 203 24.93 -14.63 -23.74
C LEU B 203 26.46 -14.62 -23.84
N HIS B 204 27.07 -15.56 -23.13
CA HIS B 204 28.54 -15.77 -23.17
C HIS B 204 28.95 -15.96 -24.62
N GLY B 205 29.96 -15.23 -25.07
CA GLY B 205 30.52 -15.48 -26.40
C GLY B 205 30.95 -16.94 -26.59
N MSE B 206 31.54 -17.54 -25.56
CA MSE B 206 31.99 -18.95 -25.63
C MSE B 206 30.83 -19.97 -25.73
O MSE B 206 31.01 -21.11 -26.18
CB MSE B 206 32.90 -19.34 -24.44
CG MSE B 206 34.31 -18.73 -24.48
SE MSE B 206 35.29 -19.10 -26.19
CE MSE B 206 35.48 -21.03 -25.98
N CYS B 207 29.65 -19.56 -25.25
CA CYS B 207 28.46 -20.36 -25.42
C CYS B 207 28.00 -20.30 -26.88
N THR B 208 28.00 -19.11 -27.48
CA THR B 208 27.69 -18.97 -28.93
C THR B 208 28.64 -19.89 -29.76
N TYR B 209 29.85 -19.97 -29.30
CA TYR B 209 30.97 -20.60 -30.01
C TYR B 209 30.75 -22.09 -29.94
N GLY B 210 30.42 -22.51 -28.73
CA GLY B 210 30.11 -23.91 -28.44
C GLY B 210 28.86 -24.37 -29.17
N LEU B 211 27.83 -23.54 -29.16
CA LEU B 211 26.55 -23.86 -29.81
C LEU B 211 26.79 -24.08 -31.27
N SER B 212 27.63 -23.19 -31.82
CA SER B 212 28.08 -23.28 -33.20
C SER B 212 28.84 -24.58 -33.41
N ALA B 213 29.80 -24.85 -32.54
CA ALA B 213 30.61 -26.07 -32.62
C ALA B 213 29.71 -27.34 -32.62
N LYS B 214 28.69 -27.35 -31.77
CA LYS B 214 27.82 -28.52 -31.59
C LYS B 214 26.98 -28.74 -32.85
N ALA B 215 26.45 -27.64 -33.37
CA ALA B 215 25.62 -27.68 -34.59
C ALA B 215 26.43 -28.18 -35.75
N LEU B 216 27.65 -27.67 -35.87
CA LEU B 216 28.55 -28.13 -36.95
C LEU B 216 28.91 -29.61 -36.83
N ILE B 217 29.14 -30.11 -35.61
CA ILE B 217 29.42 -31.54 -35.43
C ILE B 217 28.23 -32.44 -35.85
N ASP B 218 27.00 -32.02 -35.52
CA ASP B 218 25.78 -32.80 -35.86
C ASP B 218 25.71 -33.06 -37.33
N LYS B 219 26.17 -32.08 -38.11
CA LYS B 219 26.14 -32.18 -39.57
C LYS B 219 27.41 -32.80 -40.18
N PHE B 220 28.57 -32.37 -39.70
CA PHE B 220 29.86 -32.70 -40.36
C PHE B 220 30.75 -33.67 -39.59
N GLY B 221 30.37 -34.00 -38.38
CA GLY B 221 31.19 -34.87 -37.55
C GLY B 221 32.21 -34.10 -36.73
N MSE B 222 32.98 -34.85 -35.96
CA MSE B 222 33.87 -34.27 -34.94
C MSE B 222 35.06 -33.48 -35.50
O MSE B 222 35.50 -33.69 -36.61
CB MSE B 222 34.37 -35.35 -33.99
CG MSE B 222 33.42 -35.56 -32.81
SE MSE B 222 33.65 -34.09 -31.44
CE MSE B 222 32.06 -34.43 -30.42
N PHE B 223 35.57 -32.54 -34.71
CA PHE B 223 36.71 -31.71 -35.11
C PHE B 223 37.72 -31.66 -33.99
N ASN B 224 38.99 -31.49 -34.33
CA ASN B 224 40.04 -31.40 -33.31
C ASN B 224 40.73 -30.04 -33.26
N GLU B 225 40.29 -29.13 -34.13
CA GLU B 225 40.78 -27.76 -34.16
C GLU B 225 39.63 -26.80 -34.50
N ILE B 226 39.64 -25.67 -33.82
CA ILE B 226 38.60 -24.66 -33.99
C ILE B 226 39.20 -23.28 -33.76
N LYS B 227 38.78 -22.35 -34.60
CA LYS B 227 39.19 -20.95 -34.49
C LYS B 227 38.03 -20.02 -34.87
N ALA B 228 37.84 -18.96 -34.13
CA ALA B 228 36.79 -17.96 -34.46
C ALA B 228 37.08 -16.57 -33.93
N ARG B 229 36.49 -15.58 -34.61
CA ARG B 229 36.49 -14.19 -34.12
C ARG B 229 35.11 -13.79 -33.64
N PHE B 230 35.07 -13.14 -32.48
CA PHE B 230 33.84 -12.60 -31.91
C PHE B 230 33.60 -11.20 -32.46
N THR B 231 32.49 -11.02 -33.17
CA THR B 231 32.20 -9.76 -33.88
C THR B 231 30.90 -9.11 -33.43
N GLY B 232 30.16 -9.76 -32.53
CA GLY B 232 28.88 -9.23 -32.09
C GLY B 232 28.21 -9.97 -30.95
N ILE B 233 27.37 -9.25 -30.22
CA ILE B 233 26.67 -9.82 -29.07
C ILE B 233 25.46 -10.66 -29.47
N VAL B 234 25.11 -11.55 -28.56
CA VAL B 234 23.94 -12.42 -28.64
C VAL B 234 23.18 -12.33 -27.30
N PHE B 235 21.85 -12.26 -27.39
CA PHE B 235 21.00 -12.24 -26.18
C PHE B 235 20.32 -13.60 -26.03
N PRO B 236 20.18 -14.08 -24.81
CA PRO B 236 19.38 -15.29 -24.62
C PRO B 236 17.96 -15.01 -25.11
N GLY B 237 17.37 -16.04 -25.69
CA GLY B 237 16.03 -15.95 -26.25
C GLY B 237 16.09 -15.70 -27.74
N GLU B 238 17.26 -15.25 -28.22
CA GLU B 238 17.44 -15.05 -29.67
C GLU B 238 17.75 -16.39 -30.39
N THR B 239 17.66 -16.35 -31.70
CA THR B 239 17.99 -17.44 -32.61
C THR B 239 19.23 -17.17 -33.49
N LEU B 240 20.14 -18.13 -33.43
CA LEU B 240 21.41 -18.14 -34.15
C LEU B 240 21.20 -18.84 -35.46
N ARG B 241 21.86 -18.34 -36.49
CA ARG B 241 21.89 -19.03 -37.76
C ARG B 241 23.34 -19.27 -38.17
N VAL B 242 23.72 -20.55 -38.19
CA VAL B 242 25.04 -21.00 -38.63
C VAL B 242 25.05 -21.26 -40.14
N LEU B 243 25.92 -20.51 -40.82
CA LEU B 243 26.18 -20.71 -42.22
C LEU B 243 27.53 -21.38 -42.34
N ALA B 244 27.58 -22.41 -43.19
CA ALA B 244 28.77 -23.26 -43.30
C ALA B 244 29.11 -23.61 -44.75
N TRP B 245 30.42 -23.56 -45.01
CA TRP B 245 30.98 -23.97 -46.28
C TRP B 245 32.04 -25.05 -46.10
N LYS B 246 31.87 -26.18 -46.77
CA LYS B 246 32.91 -27.21 -46.82
C LYS B 246 34.05 -26.82 -47.79
N GLU B 247 35.18 -26.36 -47.22
CA GLU B 247 36.27 -25.70 -47.97
C GLU B 247 37.51 -26.54 -48.30
N SER B 248 37.61 -27.67 -47.63
CA SER B 248 38.56 -28.69 -48.05
C SER B 248 37.98 -30.03 -47.53
N ASP B 249 38.69 -31.13 -47.75
CA ASP B 249 38.34 -32.41 -47.12
C ASP B 249 38.50 -32.29 -45.58
N ASP B 250 39.22 -31.24 -45.16
CA ASP B 250 39.64 -31.02 -43.80
C ASP B 250 38.78 -30.01 -43.04
N THR B 251 38.24 -29.03 -43.76
CA THR B 251 38.02 -27.73 -43.16
C THR B 251 36.63 -27.19 -43.47
N ILE B 252 35.89 -26.91 -42.40
CA ILE B 252 34.57 -26.25 -42.49
C ILE B 252 34.65 -24.79 -42.06
N VAL B 253 34.44 -23.89 -43.02
CA VAL B 253 34.45 -22.46 -42.75
C VAL B 253 33.05 -22.10 -42.33
N PHE B 254 32.92 -21.23 -41.32
CA PHE B 254 31.57 -20.82 -40.94
C PHE B 254 31.44 -19.38 -40.49
N GLN B 255 30.18 -18.98 -40.39
CA GLN B 255 29.79 -17.74 -39.69
C GLN B 255 28.56 -18.03 -38.85
N THR B 256 28.43 -17.32 -37.73
CA THR B 256 27.24 -17.39 -36.88
C THR B 256 26.54 -16.04 -36.85
N HIS B 257 25.34 -16.07 -37.40
CA HIS B 257 24.48 -14.91 -37.54
C HIS B 257 23.42 -14.88 -36.46
N VAL B 258 22.97 -13.68 -36.15
CA VAL B 258 21.89 -13.49 -35.20
C VAL B 258 20.69 -13.04 -36.02
N VAL B 259 19.74 -13.95 -36.15
CA VAL B 259 18.53 -13.71 -36.95
C VAL B 259 17.72 -12.47 -36.51
N ASP B 260 17.50 -12.36 -35.22
CA ASP B 260 16.55 -11.35 -34.67
C ASP B 260 16.94 -9.90 -34.94
N ARG B 261 18.26 -9.63 -34.87
CA ARG B 261 18.79 -8.27 -35.12
C ARG B 261 19.60 -8.11 -36.45
N GLY B 262 19.79 -9.22 -37.17
CA GLY B 262 20.38 -9.15 -38.51
C GLY B 262 21.86 -8.84 -38.47
N THR B 263 22.48 -9.23 -37.37
CA THR B 263 23.90 -9.05 -37.14
C THR B 263 24.72 -10.35 -37.26
N ILE B 264 26.02 -10.23 -37.01
CA ILE B 264 26.95 -11.36 -36.99
C ILE B 264 27.75 -11.45 -35.67
N ALA B 265 27.55 -12.59 -35.01
CA ALA B 265 28.15 -12.89 -33.71
C ALA B 265 29.51 -13.57 -33.81
N ILE B 266 29.65 -14.49 -34.76
CA ILE B 266 30.90 -15.19 -35.04
C ILE B 266 31.30 -15.11 -36.52
N ASN B 267 32.54 -14.70 -36.76
CA ASN B 267 33.09 -14.55 -38.09
C ASN B 267 34.53 -15.01 -38.14
N ASN B 268 35.07 -15.06 -39.33
CA ASN B 268 36.46 -15.44 -39.55
C ASN B 268 36.80 -16.74 -38.85
N ALA B 269 35.99 -17.74 -39.11
CA ALA B 269 35.93 -18.95 -38.27
C ALA B 269 35.93 -20.23 -39.09
N ALA B 270 36.48 -21.27 -38.49
CA ALA B 270 36.49 -22.61 -39.11
C ALA B 270 36.77 -23.70 -38.08
N ILE B 271 36.43 -24.92 -38.46
CA ILE B 271 36.84 -26.13 -37.73
C ILE B 271 37.59 -27.06 -38.66
N LYS B 272 38.46 -27.87 -38.09
CA LYS B 272 39.19 -28.91 -38.83
C LYS B 272 38.70 -30.27 -38.36
N LEU B 273 38.13 -31.04 -39.28
CA LEU B 273 37.50 -32.33 -38.97
C LEU B 273 38.56 -33.37 -38.64
N VAL B 274 38.24 -34.26 -37.72
CA VAL B 274 39.15 -35.34 -37.34
C VAL B 274 39.36 -36.31 -38.49
N PRO C 5 -9.91 16.73 -3.12
CA PRO C 5 -10.49 16.77 -1.72
C PRO C 5 -10.21 18.08 -0.97
N VAL C 6 -10.93 19.11 -1.42
CA VAL C 6 -10.67 20.50 -1.03
C VAL C 6 -11.74 21.08 -0.09
N TRP C 7 -11.30 21.61 1.03
CA TRP C 7 -12.20 22.26 1.99
C TRP C 7 -11.96 23.75 1.99
N ARG C 8 -12.99 24.53 1.64
CA ARG C 8 -12.93 26.00 1.74
C ARG C 8 -13.64 26.45 3.00
N PHE C 9 -12.91 27.11 3.88
CA PHE C 9 -13.48 27.56 5.16
C PHE C 9 -13.16 29.05 5.36
N ASP C 10 -13.91 29.67 6.27
CA ASP C 10 -13.81 31.11 6.51
C ASP C 10 -14.02 31.45 8.02
N ASP C 11 -14.07 32.73 8.34
CA ASP C 11 -14.18 33.18 9.73
C ASP C 11 -15.41 32.62 10.43
N ARG C 12 -16.47 32.44 9.70
CA ARG C 12 -17.70 31.92 10.27
C ARG C 12 -17.54 30.48 10.81
N ASP C 13 -16.83 29.65 10.05
CA ASP C 13 -16.50 28.30 10.44
C ASP C 13 -15.67 28.35 11.70
N VAL C 14 -14.68 29.23 11.70
CA VAL C 14 -13.76 29.36 12.84
C VAL C 14 -14.49 29.75 14.14
N ILE C 15 -15.33 30.77 14.03
CA ILE C 15 -16.06 31.29 15.17
C ILE C 15 -17.09 30.32 15.70
N LEU C 16 -17.82 29.70 14.79
CA LEU C 16 -18.79 28.66 15.14
C LEU C 16 -18.10 27.54 15.96
N TYR C 17 -16.92 27.14 15.53
CA TYR C 17 -16.17 26.07 16.21
C TYR C 17 -15.69 26.54 17.58
N ASN C 18 -15.07 27.71 17.56
CA ASN C 18 -14.52 28.32 18.79
C ASN C 18 -15.61 28.49 19.87
N ILE C 19 -16.75 29.03 19.46
CA ILE C 19 -17.88 29.16 20.36
C ILE C 19 -18.30 27.80 20.92
N ALA C 20 -18.36 26.76 20.07
CA ALA C 20 -18.74 25.42 20.56
C ALA C 20 -17.75 24.84 21.58
N LEU C 21 -16.52 25.40 21.66
CA LEU C 21 -15.54 24.93 22.63
C LEU C 21 -15.49 25.83 23.87
N GLY C 22 -16.43 26.76 23.99
CA GLY C 22 -16.59 27.65 25.12
C GLY C 22 -16.05 29.06 25.03
N ALA C 23 -15.64 29.47 23.83
CA ALA C 23 -15.14 30.83 23.66
C ALA C 23 -16.24 31.83 23.93
N THR C 24 -15.94 32.85 24.71
CA THR C 24 -16.94 33.87 25.04
C THR C 24 -16.56 35.21 24.40
N THR C 25 -17.44 36.20 24.57
CA THR C 25 -17.12 37.56 24.13
C THR C 25 -16.08 38.24 24.99
N LYS C 26 -15.76 37.68 26.14
CA LYS C 26 -14.62 38.18 26.91
C LYS C 26 -13.33 37.82 26.18
N GLN C 27 -13.42 36.95 25.18
CA GLN C 27 -12.25 36.58 24.39
C GLN C 27 -12.53 36.88 22.92
N LEU C 28 -12.48 38.15 22.56
CA LEU C 28 -12.75 38.57 21.19
C LEU C 28 -11.79 37.96 20.16
N LYS C 29 -10.57 37.67 20.61
CA LYS C 29 -9.60 36.92 19.79
C LYS C 29 -10.19 35.63 19.18
N TYR C 30 -11.13 35.02 19.88
CA TYR C 30 -11.76 33.79 19.37
C TYR C 30 -13.10 33.97 18.65
N VAL C 31 -13.79 35.07 18.91
CA VAL C 31 -15.15 35.25 18.43
C VAL C 31 -15.38 36.43 17.52
N TYR C 32 -14.32 37.15 17.21
CA TYR C 32 -14.43 38.37 16.40
C TYR C 32 -13.33 38.49 15.35
N GLU C 33 -13.77 38.42 14.08
CA GLU C 33 -12.91 38.26 12.89
C GLU C 33 -11.99 39.46 12.68
N ASN C 34 -12.42 40.65 13.14
CA ASN C 34 -11.59 41.84 13.08
C ASN C 34 -10.67 42.11 14.28
N ASP C 35 -10.74 41.28 15.30
CA ASP C 35 -9.83 41.44 16.40
C ASP C 35 -8.38 41.27 15.89
N SER C 36 -7.43 42.02 16.45
CA SER C 36 -6.02 42.00 15.98
C SER C 36 -5.35 40.64 16.18
N ASP C 37 -5.87 39.86 17.10
CA ASP C 37 -5.35 38.53 17.39
C ASP C 37 -6.32 37.41 17.07
N PHE C 38 -7.19 37.69 16.13
CA PHE C 38 -8.15 36.70 15.67
C PHE C 38 -7.47 35.37 15.38
N GLN C 39 -8.01 34.32 15.96
CA GLN C 39 -7.36 33.01 15.91
C GLN C 39 -8.30 31.84 16.14
N VAL C 40 -7.83 30.67 15.71
CA VAL C 40 -8.61 29.43 15.75
C VAL C 40 -7.99 28.48 16.75
N ILE C 41 -8.84 27.84 17.53
CA ILE C 41 -8.40 26.78 18.40
C ILE C 41 -7.98 25.60 17.47
N PRO C 42 -6.73 25.17 17.56
CA PRO C 42 -6.09 24.36 16.52
C PRO C 42 -6.60 22.95 16.35
N THR C 43 -7.38 22.43 17.29
CA THR C 43 -8.11 21.16 17.06
C THR C 43 -9.11 21.20 15.91
N PHE C 44 -9.39 22.42 15.46
CA PHE C 44 -10.11 22.65 14.22
C PHE C 44 -9.59 21.85 13.05
N GLY C 45 -8.29 21.59 12.98
CA GLY C 45 -7.72 20.87 11.85
C GLY C 45 -8.25 19.46 11.63
N HIS C 46 -8.88 18.87 12.66
CA HIS C 46 -9.48 17.52 12.49
C HIS C 46 -10.70 17.53 11.61
N LEU C 47 -11.35 18.68 11.49
CA LEU C 47 -12.62 18.84 10.74
C LEU C 47 -12.60 18.47 9.27
N ILE C 48 -11.42 18.33 8.69
CA ILE C 48 -11.27 17.75 7.35
C ILE C 48 -12.03 16.40 7.14
N THR C 49 -12.26 15.66 8.20
CA THR C 49 -13.10 14.46 8.12
C THR C 49 -14.48 14.64 7.44
N PHE C 50 -15.06 15.82 7.59
CA PHE C 50 -16.44 16.14 7.21
C PHE C 50 -16.50 17.09 6.04
N ASN C 51 -15.34 17.35 5.44
CA ASN C 51 -15.21 18.27 4.31
C ASN C 51 -14.55 17.66 3.07
N SER C 52 -14.99 16.43 2.83
CA SER C 52 -14.80 15.71 1.56
C SER C 52 -15.14 14.23 1.70
N ASN C 57 -12.33 5.40 4.78
CA ASN C 57 -12.51 4.41 3.73
C ASN C 57 -11.28 4.18 2.87
N SER C 58 -10.19 4.88 3.16
CA SER C 58 -8.88 4.49 2.59
C SER C 58 -8.39 3.26 3.36
N PHE C 59 -8.59 3.28 4.68
CA PHE C 59 -8.31 2.12 5.55
C PHE C 59 -9.32 0.98 5.35
N ALA C 60 -10.47 1.32 4.76
CA ALA C 60 -11.64 0.45 4.73
C ALA C 60 -11.52 -0.76 3.80
N LYS C 61 -10.53 -0.74 2.91
CA LYS C 61 -10.35 -1.77 1.85
C LYS C 61 -9.19 -2.72 2.23
N LEU C 62 -8.60 -2.45 3.40
CA LEU C 62 -7.55 -3.28 4.02
C LEU C 62 -8.15 -4.31 4.98
N LEU C 63 -9.42 -4.09 5.28
CA LEU C 63 -10.18 -4.85 6.27
C LEU C 63 -11.13 -5.84 5.63
N ARG C 64 -11.23 -7.00 6.26
CA ARG C 64 -12.26 -7.98 5.92
C ARG C 64 -13.24 -8.14 7.08
N ASN C 65 -14.46 -8.55 6.74
CA ASN C 65 -15.55 -8.74 7.71
C ASN C 65 -15.86 -7.44 8.46
N PHE C 66 -15.62 -6.32 7.78
CA PHE C 66 -15.74 -4.98 8.38
C PHE C 66 -17.20 -4.54 8.60
N ASN C 67 -17.51 -4.25 9.86
CA ASN C 67 -18.80 -3.68 10.27
C ASN C 67 -18.59 -2.33 10.98
N PRO C 68 -18.91 -1.21 10.32
CA PRO C 68 -18.66 0.14 10.88
C PRO C 68 -19.44 0.53 12.12
N MSE C 69 -20.53 -0.16 12.45
CA MSE C 69 -21.27 0.15 13.70
C MSE C 69 -20.46 -0.34 14.91
O MSE C 69 -20.70 0.11 16.04
CB MSE C 69 -22.70 -0.43 13.72
CG MSE C 69 -23.81 0.39 12.96
SE MSE C 69 -24.51 2.06 13.81
CE MSE C 69 -23.37 3.35 12.82
N LEU C 70 -19.52 -1.27 14.67
CA LEU C 70 -18.51 -1.67 15.67
C LEU C 70 -17.18 -0.84 15.67
N LEU C 71 -17.08 0.18 14.81
CA LEU C 71 -15.87 1.01 14.69
C LEU C 71 -15.84 2.16 15.71
N LEU C 72 -14.92 2.05 16.66
CA LEU C 72 -14.75 3.02 17.75
C LEU C 72 -13.51 3.89 17.61
N HIS C 73 -13.70 5.19 17.82
CA HIS C 73 -12.61 6.19 17.79
C HIS C 73 -11.93 6.18 19.14
N GLY C 74 -10.77 5.53 19.19
CA GLY C 74 -10.06 5.30 20.42
C GLY C 74 -8.99 6.31 20.79
N GLU C 75 -8.31 6.87 19.80
CA GLU C 75 -7.24 7.85 20.05
C GLU C 75 -7.24 8.86 18.93
N HIS C 76 -6.80 10.06 19.27
CA HIS C 76 -6.61 11.10 18.24
C HIS C 76 -5.37 11.93 18.53
N TYR C 77 -4.60 12.12 17.47
CA TYR C 77 -3.41 12.95 17.45
C TYR C 77 -3.55 13.98 16.32
N LEU C 78 -3.17 15.22 16.62
CA LEU C 78 -3.22 16.31 15.67
C LEU C 78 -1.96 17.17 15.83
N LYS C 79 -1.42 17.59 14.70
CA LYS C 79 -0.30 18.56 14.67
C LYS C 79 -0.54 19.71 13.74
N VAL C 80 -0.13 20.89 14.19
CA VAL C 80 -0.21 22.11 13.40
C VAL C 80 1.22 22.40 12.93
N HIS C 81 1.43 22.46 11.62
CA HIS C 81 2.79 22.58 11.06
C HIS C 81 3.17 24.00 10.69
N SER C 82 2.13 24.81 10.48
CA SER C 82 2.27 26.18 10.02
C SER C 82 1.60 27.07 11.06
N TRP C 83 2.40 27.87 11.77
CA TRP C 83 1.92 28.63 12.94
C TRP C 83 1.87 30.15 12.69
N PRO C 84 0.78 30.84 13.04
CA PRO C 84 -0.47 30.25 13.53
C PRO C 84 -1.30 29.67 12.42
N PRO C 85 -2.21 28.73 12.76
CA PRO C 85 -3.02 28.11 11.72
C PRO C 85 -3.97 29.12 11.11
N PRO C 86 -4.41 28.93 9.88
CA PRO C 86 -5.15 29.98 9.19
C PRO C 86 -6.59 30.05 9.68
N THR C 87 -7.15 31.26 9.61
CA THR C 87 -8.55 31.46 10.00
C THR C 87 -9.46 31.50 8.82
N GLU C 88 -8.87 31.41 7.65
CA GLU C 88 -9.65 31.24 6.43
C GLU C 88 -8.75 30.68 5.36
N GLY C 89 -9.37 30.09 4.34
CA GLY C 89 -8.63 29.48 3.25
C GLY C 89 -9.23 28.24 2.61
N GLU C 90 -8.36 27.61 1.83
CA GLU C 90 -8.63 26.40 1.09
C GLU C 90 -7.54 25.43 1.40
N ILE C 91 -7.91 24.25 1.89
CA ILE C 91 -6.93 23.22 2.19
C ILE C 91 -7.28 21.91 1.48
N LYS C 92 -6.25 21.20 1.07
CA LYS C 92 -6.41 19.96 0.32
C LYS C 92 -5.86 18.84 1.20
N THR C 93 -6.68 17.83 1.44
CA THR C 93 -6.32 16.73 2.36
C THR C 93 -6.07 15.40 1.66
N THR C 94 -4.95 14.78 1.98
CA THR C 94 -4.60 13.45 1.50
C THR C 94 -4.71 12.45 2.67
N PHE C 95 -5.48 11.36 2.47
CA PHE C 95 -5.66 10.31 3.50
C PHE C 95 -4.81 9.11 3.12
N GLU C 96 -4.17 8.54 4.13
CA GLU C 96 -3.37 7.33 4.00
C GLU C 96 -3.53 6.46 5.25
N PRO C 97 -3.65 5.16 5.05
CA PRO C 97 -3.60 4.23 6.18
C PRO C 97 -2.17 4.22 6.72
N ILE C 98 -2.06 4.21 8.05
CA ILE C 98 -0.76 4.18 8.75
C ILE C 98 -0.41 2.79 9.29
N ALA C 99 -1.38 2.12 9.89
CA ALA C 99 -1.16 0.80 10.49
C ALA C 99 -2.45 0.01 10.72
N THR C 100 -2.39 -1.30 10.48
CA THR C 100 -3.40 -2.25 10.99
C THR C 100 -2.73 -3.38 11.80
N THR C 101 -3.28 -3.63 12.98
CA THR C 101 -2.70 -4.57 13.94
C THR C 101 -3.79 -5.51 14.43
N PRO C 102 -3.78 -6.76 14.00
CA PRO C 102 -4.75 -7.69 14.54
C PRO C 102 -4.24 -8.21 15.89
N LYS C 103 -5.16 -8.23 16.84
CA LYS C 103 -4.99 -8.97 18.09
C LYS C 103 -6.10 -10.02 18.07
N GLY C 104 -5.78 -11.17 17.51
CA GLY C 104 -6.80 -12.09 17.01
C GLY C 104 -7.75 -11.34 16.06
N THR C 105 -9.04 -11.37 16.36
CA THR C 105 -10.05 -10.64 15.56
C THR C 105 -10.42 -9.29 16.13
N ASN C 106 -9.71 -8.87 17.17
CA ASN C 106 -9.78 -7.48 17.68
C ASN C 106 -8.66 -6.61 17.02
N VAL C 107 -9.06 -5.73 16.10
CA VAL C 107 -8.14 -5.00 15.23
C VAL C 107 -7.96 -3.54 15.63
N VAL C 108 -6.72 -3.05 15.49
CA VAL C 108 -6.46 -1.64 15.73
C VAL C 108 -6.00 -1.07 14.40
N ILE C 109 -6.59 0.03 14.03
CA ILE C 109 -6.26 0.70 12.77
C ILE C 109 -5.84 2.13 13.06
N VAL C 110 -4.70 2.53 12.52
CA VAL C 110 -4.31 3.92 12.58
C VAL C 110 -4.49 4.47 11.15
N HIS C 111 -5.20 5.57 11.09
CA HIS C 111 -5.55 6.24 9.83
C HIS C 111 -5.06 7.66 9.85
N GLY C 112 -4.35 8.03 8.79
CA GLY C 112 -3.65 9.28 8.74
C GLY C 112 -4.16 10.23 7.67
N SER C 113 -3.99 11.51 7.95
CA SER C 113 -4.19 12.52 6.89
C SER C 113 -3.23 13.68 7.02
N LYS C 114 -3.06 14.37 5.90
CA LYS C 114 -2.19 15.52 5.78
C LYS C 114 -2.95 16.57 5.00
N SER C 115 -3.04 17.78 5.58
CA SER C 115 -3.81 18.87 5.01
C SER C 115 -2.94 20.05 4.58
N VAL C 116 -2.91 20.33 3.28
CA VAL C 116 -2.04 21.39 2.76
C VAL C 116 -2.84 22.57 2.26
N ASP C 117 -2.15 23.71 2.15
CA ASP C 117 -2.78 24.92 1.64
C ASP C 117 -2.91 24.69 0.14
N ASN C 118 -4.15 24.69 -0.32
CA ASN C 118 -4.45 24.29 -1.69
C ASN C 118 -3.81 25.19 -2.74
N LYS C 119 -3.43 26.40 -2.37
CA LYS C 119 -2.82 27.32 -3.36
C LYS C 119 -1.29 27.23 -3.39
N SER C 120 -0.68 26.91 -2.25
CA SER C 120 0.80 26.90 -2.13
C SER C 120 1.45 25.54 -1.85
N GLY C 121 0.64 24.58 -1.45
CA GLY C 121 1.14 23.28 -1.00
C GLY C 121 1.79 23.27 0.38
N GLU C 122 1.78 24.38 1.10
CA GLU C 122 2.35 24.41 2.46
C GLU C 122 1.55 23.45 3.39
N LEU C 123 2.26 22.54 4.05
CA LEU C 123 1.66 21.70 5.10
C LEU C 123 1.13 22.50 6.31
N ILE C 124 -0.19 22.40 6.52
CA ILE C 124 -0.87 23.11 7.61
C ILE C 124 -1.15 22.19 8.81
N TYR C 125 -1.96 21.15 8.57
CA TYR C 125 -2.30 20.18 9.60
C TYR C 125 -1.97 18.75 9.22
N SER C 126 -1.72 17.93 10.23
CA SER C 126 -1.80 16.48 10.09
C SER C 126 -2.58 15.85 11.24
N ASN C 127 -3.24 14.74 10.93
CA ASN C 127 -4.06 14.01 11.90
C ASN C 127 -3.75 12.52 11.85
N GLU C 128 -3.85 11.87 13.00
CA GLU C 128 -3.81 10.42 13.05
C GLU C 128 -4.92 9.97 14.00
N ALA C 129 -5.84 9.20 13.44
CA ALA C 129 -6.99 8.67 14.18
C ALA C 129 -6.79 7.18 14.36
N THR C 130 -6.95 6.74 15.59
CA THR C 130 -6.83 5.33 15.88
C THR C 130 -8.21 4.76 16.15
N TYR C 131 -8.51 3.67 15.48
CA TYR C 131 -9.76 2.97 15.62
C TYR C 131 -9.58 1.57 16.15
N PHE C 132 -10.52 1.19 16.98
CA PHE C 132 -10.62 -0.19 17.49
C PHE C 132 -11.85 -0.82 16.87
N ILE C 133 -11.72 -2.03 16.33
CA ILE C 133 -12.88 -2.72 15.80
C ILE C 133 -12.82 -4.24 16.03
N ARG C 134 -13.82 -4.73 16.73
CA ARG C 134 -14.00 -6.14 17.01
C ARG C 134 -14.54 -6.89 15.76
N ASN C 135 -14.40 -8.21 15.80
CA ASN C 135 -14.95 -9.15 14.80
C ASN C 135 -14.50 -8.78 13.37
N CYS C 136 -13.22 -8.48 13.26
CA CYS C 136 -12.62 -7.89 12.09
C CYS C 136 -11.36 -8.68 11.74
N GLN C 137 -11.24 -8.95 10.44
CA GLN C 137 -10.10 -9.66 9.89
C GLN C 137 -9.18 -8.61 9.27
N ALA C 138 -7.91 -8.68 9.68
CA ALA C 138 -6.91 -7.76 9.16
C ALA C 138 -5.52 -8.34 9.19
N ASP C 139 -4.72 -7.92 8.22
CA ASP C 139 -3.30 -8.25 8.22
C ASP C 139 -2.51 -7.33 9.12
N ASN C 140 -1.40 -7.84 9.61
CA ASN C 140 -0.47 -7.05 10.39
C ASN C 140 0.43 -6.25 9.45
N LYS C 141 0.10 -4.98 9.30
CA LYS C 141 0.78 -4.11 8.33
C LYS C 141 1.10 -2.72 8.90
N VAL C 142 2.32 -2.28 8.65
CA VAL C 142 2.78 -0.93 8.97
C VAL C 142 3.09 -0.18 7.66
N TYR C 143 2.47 0.98 7.45
CA TYR C 143 2.62 1.79 6.20
C TYR C 143 3.46 3.05 6.31
N ALA C 144 3.61 3.56 7.52
CA ALA C 144 4.33 4.82 7.78
C ALA C 144 4.80 4.86 9.22
N ASP C 145 5.90 5.55 9.47
CA ASP C 145 6.31 5.87 10.83
C ASP C 145 5.30 6.78 11.51
N ARG C 146 5.28 6.73 12.83
CA ARG C 146 4.49 7.65 13.60
C ARG C 146 5.39 8.51 14.51
N PRO C 147 5.04 9.78 14.67
CA PRO C 147 5.79 10.66 15.55
C PRO C 147 5.68 10.17 17.00
N ALA C 148 6.75 10.36 17.75
CA ALA C 148 6.79 9.90 19.13
C ALA C 148 5.63 10.43 19.99
N PHE C 149 5.22 11.67 19.71
CA PHE C 149 4.17 12.34 20.52
C PHE C 149 2.85 11.54 20.34
N ALA C 150 2.66 10.99 19.14
CA ALA C 150 1.41 10.25 18.82
C ALA C 150 1.29 8.93 19.58
N THR C 151 2.42 8.30 19.86
CA THR C 151 2.46 7.00 20.54
C THR C 151 2.85 7.06 22.01
N ASN C 152 3.15 8.25 22.50
CA ASN C 152 3.48 8.45 23.94
C ASN C 152 2.22 8.15 24.78
N GLN C 153 2.41 7.42 25.87
CA GLN C 153 1.30 7.03 26.76
C GLN C 153 0.92 8.13 27.77
N PHE C 154 1.85 9.05 27.99
CA PHE C 154 1.59 10.27 28.76
C PHE C 154 0.90 9.95 30.08
N LEU C 155 1.51 9.04 30.83
CA LEU C 155 1.00 8.62 32.12
C LEU C 155 1.08 9.77 33.10
N ALA C 156 -0.01 10.01 33.79
CA ALA C 156 -0.02 11.07 34.80
C ALA C 156 1.07 10.77 35.83
N PRO C 157 1.86 11.77 36.21
CA PRO C 157 2.81 11.60 37.29
C PRO C 157 2.14 11.33 38.62
N LYS C 158 2.95 10.94 39.59
CA LYS C 158 2.47 10.53 40.92
C LYS C 158 1.90 11.72 41.70
N ARG C 159 2.56 12.87 41.58
CA ARG C 159 2.20 14.05 42.37
C ARG C 159 0.78 14.57 42.09
N ALA C 160 0.31 15.44 42.96
CA ALA C 160 -1.02 16.02 42.75
C ALA C 160 -0.99 16.84 41.47
N PRO C 161 -2.13 17.06 40.83
CA PRO C 161 -2.13 17.83 39.59
C PRO C 161 -1.69 19.26 39.85
N ASP C 162 -0.95 19.83 38.89
CA ASP C 162 -0.48 21.20 38.99
C ASP C 162 -1.62 22.15 38.82
N TYR C 163 -2.55 21.78 37.96
CA TYR C 163 -3.67 22.64 37.67
C TYR C 163 -4.90 21.80 37.51
N GLN C 164 -6.01 22.40 37.86
CA GLN C 164 -7.32 21.82 37.52
C GLN C 164 -8.36 22.90 37.29
N VAL C 165 -9.30 22.52 36.45
CA VAL C 165 -10.48 23.32 36.17
C VAL C 165 -11.72 22.46 35.81
N ASP C 166 -12.88 22.93 36.25
CA ASP C 166 -14.18 22.32 35.96
C ASP C 166 -14.82 23.04 34.78
N VAL C 167 -15.28 22.27 33.83
CA VAL C 167 -15.89 22.81 32.60
C VAL C 167 -17.33 22.28 32.47
N PRO C 168 -18.34 23.10 32.82
CA PRO C 168 -19.74 22.73 32.61
C PRO C 168 -20.04 22.61 31.13
N VAL C 169 -20.75 21.54 30.77
CA VAL C 169 -21.15 21.28 29.37
C VAL C 169 -22.64 21.56 29.25
N SER C 170 -23.00 22.57 28.47
CA SER C 170 -24.40 22.90 28.25
C SER C 170 -25.13 21.64 27.79
N GLU C 171 -26.37 21.55 28.21
CA GLU C 171 -27.28 20.53 27.74
C GLU C 171 -27.55 20.59 26.22
N ASP C 172 -27.34 21.76 25.61
CA ASP C 172 -27.50 22.01 24.19
C ASP C 172 -26.21 22.09 23.40
N LEU C 173 -25.09 21.78 24.03
CA LEU C 173 -23.79 21.90 23.35
C LEU C 173 -23.67 21.05 22.08
N ALA C 174 -24.09 19.79 22.13
CA ALA C 174 -24.02 18.92 20.94
C ALA C 174 -24.80 19.50 19.69
N ALA C 175 -25.95 20.13 19.92
CA ALA C 175 -26.74 20.79 18.86
C ALA C 175 -25.98 21.92 18.13
N LEU C 176 -25.10 22.61 18.85
CA LEU C 176 -24.25 23.66 18.31
C LEU C 176 -22.97 23.09 17.68
N TYR C 177 -22.33 22.18 18.39
CA TYR C 177 -21.05 21.58 18.01
C TYR C 177 -21.18 20.78 16.70
N ARG C 178 -22.32 20.12 16.50
CA ARG C 178 -22.53 19.29 15.36
C ARG C 178 -22.61 20.11 14.03
N LEU C 179 -22.85 21.41 14.16
CA LEU C 179 -22.85 22.33 13.05
C LEU C 179 -21.42 22.51 12.41
N SER C 180 -20.38 22.15 13.15
CA SER C 180 -19.01 22.13 12.63
C SER C 180 -18.71 20.94 11.70
N GLY C 181 -19.63 19.98 11.64
CA GLY C 181 -19.67 19.03 10.53
C GLY C 181 -20.17 17.64 10.90
N ASP C 182 -19.97 17.23 12.14
CA ASP C 182 -20.34 15.87 12.52
C ASP C 182 -21.84 15.70 12.89
N ARG C 183 -22.65 15.26 11.94
CA ARG C 183 -24.13 15.21 12.07
C ARG C 183 -24.66 13.89 12.72
N ASN C 184 -23.76 13.01 13.13
CA ASN C 184 -24.11 11.68 13.60
C ASN C 184 -25.29 11.77 14.60
N PRO C 185 -26.33 11.01 14.35
CA PRO C 185 -27.55 11.10 15.17
C PRO C 185 -27.38 10.68 16.64
N LEU C 186 -26.30 9.97 16.91
CA LEU C 186 -25.98 9.57 18.29
C LEU C 186 -25.89 10.77 19.25
N HIS C 187 -25.50 11.93 18.70
CA HIS C 187 -25.31 13.17 19.49
C HIS C 187 -26.53 14.10 19.58
N ILE C 188 -27.67 13.67 19.03
CA ILE C 188 -28.83 14.57 18.93
C ILE C 188 -30.24 13.91 18.98
N ASP C 189 -30.35 12.70 18.46
CA ASP C 189 -31.61 11.99 18.29
C ASP C 189 -31.79 10.94 19.43
N PRO C 190 -32.67 11.20 20.39
CA PRO C 190 -32.81 10.28 21.56
C PRO C 190 -33.27 8.89 21.16
N ASN C 191 -34.10 8.82 20.15
CA ASN C 191 -34.59 7.52 19.66
C ASN C 191 -33.41 6.68 19.13
N PHE C 192 -32.59 7.30 18.28
CA PHE C 192 -31.40 6.63 17.74
C PHE C 192 -30.43 6.20 18.86
N ALA C 193 -30.19 7.14 19.73
CA ALA C 193 -29.27 6.92 20.86
C ALA C 193 -29.73 5.74 21.73
N LYS C 194 -31.01 5.65 22.02
CA LYS C 194 -31.54 4.58 22.86
C LYS C 194 -31.53 3.27 22.09
N GLY C 195 -31.79 3.34 20.78
CA GLY C 195 -31.61 2.21 19.89
C GLY C 195 -30.19 1.67 19.95
N ALA C 196 -29.23 2.58 20.13
CA ALA C 196 -27.78 2.25 20.33
C ALA C 196 -27.39 1.85 21.74
N LYS C 197 -28.37 1.77 22.64
CA LYS C 197 -28.14 1.38 24.04
C LYS C 197 -27.60 2.44 24.97
N PHE C 198 -27.73 3.71 24.57
CA PHE C 198 -27.44 4.83 25.44
C PHE C 198 -28.76 5.39 25.99
N PRO C 199 -28.74 5.97 27.19
CA PRO C 199 -29.99 6.48 27.81
C PRO C 199 -30.47 7.75 27.19
N LYS C 200 -29.56 8.48 26.56
CA LYS C 200 -29.87 9.70 25.84
C LYS C 200 -28.68 10.03 24.92
N PRO C 201 -28.79 11.05 24.05
CA PRO C 201 -27.67 11.36 23.16
C PRO C 201 -26.42 11.76 23.89
N ILE C 202 -25.28 11.32 23.39
CA ILE C 202 -24.00 11.65 24.00
C ILE C 202 -23.34 12.82 23.29
N LEU C 203 -22.44 13.46 24.04
CA LEU C 203 -21.60 14.49 23.45
C LEU C 203 -20.56 13.89 22.56
N HIS C 204 -20.22 14.60 21.52
CA HIS C 204 -19.10 14.18 20.63
C HIS C 204 -17.82 14.08 21.38
N GLY C 205 -17.13 12.95 21.23
CA GLY C 205 -15.83 12.77 21.86
C GLY C 205 -14.88 13.86 21.45
N MSE C 206 -14.94 14.27 20.17
CA MSE C 206 -14.08 15.38 19.70
C MSE C 206 -14.44 16.74 20.30
O MSE C 206 -13.57 17.61 20.45
CB MSE C 206 -14.02 15.46 18.17
CG MSE C 206 -13.27 14.26 17.55
SE MSE C 206 -11.43 14.13 18.06
CE MSE C 206 -10.86 15.82 17.42
N CYS C 207 -15.69 16.93 20.71
CA CYS C 207 -16.05 18.12 21.50
C CYS C 207 -15.36 18.06 22.88
N THR C 208 -15.46 16.93 23.56
CA THR C 208 -14.78 16.74 24.84
C THR C 208 -13.29 17.08 24.75
N TYR C 209 -12.76 16.64 23.64
CA TYR C 209 -11.36 16.81 23.32
C TYR C 209 -10.99 18.27 23.09
N GLY C 210 -11.80 18.94 22.30
CA GLY C 210 -11.67 20.38 22.12
C GLY C 210 -11.94 21.22 23.33
N LEU C 211 -12.93 20.82 24.15
CA LEU C 211 -13.25 21.53 25.37
C LEU C 211 -12.06 21.47 26.35
N SER C 212 -11.40 20.31 26.39
CA SER C 212 -10.21 20.11 27.22
C SER C 212 -9.07 20.99 26.69
N ALA C 213 -8.89 20.96 25.37
CA ALA C 213 -7.89 21.79 24.69
C ALA C 213 -8.05 23.28 25.01
N LYS C 214 -9.28 23.75 24.90
CA LYS C 214 -9.58 25.16 25.15
C LYS C 214 -9.23 25.54 26.62
N ALA C 215 -9.65 24.69 27.57
CA ALA C 215 -9.34 24.92 29.00
C ALA C 215 -7.83 24.98 29.23
N LEU C 216 -7.12 24.08 28.59
CA LEU C 216 -5.65 24.06 28.70
C LEU C 216 -4.99 25.29 28.11
N ILE C 217 -5.46 25.72 26.92
CA ILE C 217 -4.95 26.95 26.34
C ILE C 217 -5.17 28.18 27.26
N ASP C 218 -6.36 28.30 27.84
CA ASP C 218 -6.65 29.41 28.75
C ASP C 218 -5.58 29.56 29.84
N LYS C 219 -5.13 28.43 30.36
CA LYS C 219 -4.14 28.40 31.43
C LYS C 219 -2.68 28.45 30.93
N PHE C 220 -2.35 27.61 29.98
CA PHE C 220 -0.94 27.40 29.59
C PHE C 220 -0.50 28.04 28.30
N GLY C 221 -1.44 28.53 27.52
CA GLY C 221 -1.11 29.04 26.23
C GLY C 221 -1.39 28.07 25.08
N MSE C 222 -1.11 28.54 23.89
CA MSE C 222 -1.36 27.79 22.65
C MSE C 222 -0.46 26.55 22.53
O MSE C 222 0.65 26.51 23.04
CB MSE C 222 -1.19 28.69 21.45
CG MSE C 222 -2.45 29.40 21.06
SE MSE C 222 -3.79 28.05 20.32
CE MSE C 222 -5.41 29.22 20.12
N PHE C 223 -0.96 25.56 21.83
CA PHE C 223 -0.21 24.34 21.54
C PHE C 223 -0.22 24.03 20.07
N ASN C 224 0.77 23.27 19.59
CA ASN C 224 0.85 22.88 18.15
C ASN C 224 0.80 21.36 17.93
N GLU C 225 0.67 20.63 19.03
CA GLU C 225 0.56 19.18 19.03
C GLU C 225 -0.33 18.72 20.20
N ILE C 226 -1.25 17.79 19.91
CA ILE C 226 -2.15 17.26 20.90
C ILE C 226 -2.37 15.77 20.66
N LYS C 227 -2.36 15.01 21.74
CA LYS C 227 -2.65 13.56 21.62
C LYS C 227 -3.50 13.11 22.80
N ALA C 228 -4.51 12.28 22.55
CA ALA C 228 -5.33 11.77 23.67
C ALA C 228 -5.99 10.42 23.33
N ARG C 229 -6.30 9.68 24.38
CA ARG C 229 -7.10 8.45 24.29
C ARG C 229 -8.48 8.69 24.86
N PHE C 230 -9.52 8.19 24.16
CA PHE C 230 -10.93 8.27 24.61
C PHE C 230 -11.29 7.11 25.52
N THR C 231 -11.69 7.38 26.76
CA THR C 231 -11.89 6.23 27.71
C THR C 231 -13.26 6.25 28.34
N GLY C 232 -14.15 7.04 27.80
CA GLY C 232 -15.47 7.17 28.41
C GLY C 232 -16.38 8.27 27.86
N ILE C 233 -17.66 7.96 27.80
CA ILE C 233 -18.63 8.88 27.18
C ILE C 233 -18.94 10.03 28.09
N VAL C 234 -19.44 11.07 27.49
CA VAL C 234 -19.90 12.30 28.14
C VAL C 234 -21.29 12.63 27.58
N PHE C 235 -22.15 13.07 28.50
CA PHE C 235 -23.50 13.54 28.16
C PHE C 235 -23.57 15.04 28.25
N PRO C 236 -24.27 15.67 27.31
CA PRO C 236 -24.54 17.10 27.45
C PRO C 236 -25.22 17.36 28.80
N GLY C 237 -24.82 18.43 29.47
CA GLY C 237 -25.38 18.72 30.81
C GLY C 237 -24.41 18.40 31.90
N GLU C 238 -23.42 17.57 31.58
CA GLU C 238 -22.48 17.11 32.61
C GLU C 238 -21.35 18.14 32.82
N THR C 239 -20.58 17.92 33.88
CA THR C 239 -19.41 18.74 34.21
C THR C 239 -18.11 17.95 34.06
N LEU C 240 -17.18 18.54 33.32
CA LEU C 240 -15.87 17.96 33.13
C LEU C 240 -14.92 18.55 34.18
N ARG C 241 -13.96 17.72 34.56
CA ARG C 241 -12.83 18.14 35.43
C ARG C 241 -11.53 17.78 34.70
N VAL C 242 -10.84 18.82 34.25
CA VAL C 242 -9.53 18.72 33.62
C VAL C 242 -8.48 18.78 34.72
N LEU C 243 -7.71 17.70 34.84
CA LEU C 243 -6.50 17.64 35.64
C LEU C 243 -5.25 17.75 34.77
N ALA C 244 -4.32 18.62 35.15
CA ALA C 244 -3.13 18.89 34.32
C ALA C 244 -1.85 18.91 35.11
N TRP C 245 -0.78 18.44 34.48
CA TRP C 245 0.57 18.41 35.05
C TRP C 245 1.57 19.01 34.03
N LYS C 246 2.29 20.02 34.46
CA LYS C 246 3.32 20.64 33.66
C LYS C 246 4.60 19.80 33.72
N GLU C 247 4.90 19.11 32.63
CA GLU C 247 6.05 18.18 32.58
C GLU C 247 7.25 18.79 31.86
N SER C 248 7.06 20.05 31.47
CA SER C 248 7.86 20.73 30.45
C SER C 248 9.00 19.87 29.86
N ASP C 249 8.70 19.22 28.74
CA ASP C 249 9.47 19.45 27.50
C ASP C 249 8.47 20.35 26.73
N ASP C 250 8.12 21.45 27.41
CA ASP C 250 6.97 22.30 27.08
C ASP C 250 5.71 21.46 26.86
N THR C 251 5.53 20.48 27.75
CA THR C 251 4.54 19.44 27.60
C THR C 251 3.67 19.47 28.82
N ILE C 252 2.37 19.57 28.58
CA ILE C 252 1.36 19.51 29.63
C ILE C 252 0.59 18.19 29.49
N VAL C 253 0.71 17.37 30.50
CA VAL C 253 0.00 16.11 30.57
C VAL C 253 -1.36 16.35 31.22
N PHE C 254 -2.40 15.70 30.71
CA PHE C 254 -3.71 15.86 31.29
C PHE C 254 -4.62 14.65 31.30
N GLN C 255 -5.70 14.79 32.05
CA GLN C 255 -6.82 13.86 32.06
C GLN C 255 -8.10 14.66 32.09
N THR C 256 -9.15 14.14 31.48
CA THR C 256 -10.49 14.77 31.59
C THR C 256 -11.48 13.80 32.21
N HIS C 257 -11.87 14.16 33.43
CA HIS C 257 -12.82 13.38 34.26
C HIS C 257 -14.22 13.85 34.07
N VAL C 258 -15.19 12.92 34.19
CA VAL C 258 -16.59 13.31 34.28
C VAL C 258 -17.02 13.27 35.80
N VAL C 259 -17.33 14.45 36.33
CA VAL C 259 -17.70 14.63 37.72
C VAL C 259 -19.00 13.87 38.06
N ASP C 260 -20.01 14.04 37.21
CA ASP C 260 -21.36 13.50 37.48
C ASP C 260 -21.44 12.01 37.69
N ARG C 261 -20.63 11.23 36.95
CA ARG C 261 -20.68 9.77 37.02
C ARG C 261 -19.36 9.11 37.50
N GLY C 262 -18.36 9.92 37.89
CA GLY C 262 -17.13 9.36 38.46
C GLY C 262 -16.30 8.55 37.46
N THR C 263 -16.34 8.98 36.19
CA THR C 263 -15.65 8.29 35.11
C THR C 263 -14.56 9.18 34.48
N ILE C 264 -13.84 8.62 33.52
CA ILE C 264 -12.77 9.33 32.83
C ILE C 264 -13.07 9.33 31.32
N ALA C 265 -13.21 10.54 30.78
CA ALA C 265 -13.52 10.71 29.36
C ALA C 265 -12.26 10.69 28.48
N ILE C 266 -11.22 11.33 28.98
CA ILE C 266 -9.96 11.45 28.23
C ILE C 266 -8.82 11.09 29.15
N ASN C 267 -7.90 10.28 28.64
CA ASN C 267 -6.74 9.85 29.39
C ASN C 267 -5.56 9.70 28.40
N ASN C 268 -4.38 9.49 28.96
CA ASN C 268 -3.15 9.21 28.19
C ASN C 268 -2.90 10.36 27.24
N ALA C 269 -3.01 11.56 27.81
CA ALA C 269 -3.15 12.75 26.96
C ALA C 269 -2.13 13.85 27.30
N ALA C 270 -1.78 14.61 26.27
CA ALA C 270 -0.86 15.73 26.38
C ALA C 270 -1.00 16.73 25.21
N ILE C 271 -0.57 17.95 25.48
CA ILE C 271 -0.36 18.99 24.49
C ILE C 271 1.09 19.45 24.55
N LYS C 272 1.56 19.90 23.39
CA LYS C 272 2.91 20.43 23.26
C LYS C 272 2.75 21.94 23.02
N LEU C 273 3.24 22.73 23.95
CA LEU C 273 3.09 24.19 23.87
C LEU C 273 3.93 24.81 22.77
N VAL C 274 3.37 25.79 22.10
CA VAL C 274 4.08 26.55 21.06
C VAL C 274 5.31 27.25 21.66
N GLY C 275 6.39 27.24 20.89
CA GLY C 275 7.61 27.94 21.26
C GLY C 275 7.55 29.44 21.02
N PRO D 5 -28.70 38.44 -7.45
CA PRO D 5 -28.63 38.50 -5.97
C PRO D 5 -29.27 37.25 -5.37
N VAL D 6 -28.47 36.18 -5.33
CA VAL D 6 -28.92 34.85 -4.93
C VAL D 6 -28.29 34.36 -3.63
N TRP D 7 -29.15 33.95 -2.72
CA TRP D 7 -28.79 33.44 -1.41
C TRP D 7 -29.06 31.94 -1.40
N ARG D 8 -27.97 31.18 -1.25
CA ARG D 8 -28.09 29.74 -1.17
C ARG D 8 -27.94 29.39 0.29
N PHE D 9 -28.93 28.69 0.84
CA PHE D 9 -28.93 28.39 2.28
C PHE D 9 -29.32 26.93 2.51
N ASP D 10 -28.96 26.44 3.68
CA ASP D 10 -29.29 25.06 4.03
C ASP D 10 -29.57 24.86 5.53
N ASP D 11 -29.65 23.61 5.95
CA ASP D 11 -30.10 23.24 7.29
C ASP D 11 -29.20 23.88 8.34
N ARG D 12 -27.92 24.02 7.99
CA ARG D 12 -26.98 24.67 8.86
C ARG D 12 -27.33 26.13 9.16
N ASP D 13 -27.71 26.87 8.13
CA ASP D 13 -28.07 28.26 8.31
C ASP D 13 -29.33 28.33 9.18
N VAL D 14 -30.25 27.40 8.97
CA VAL D 14 -31.53 27.38 9.67
C VAL D 14 -31.33 27.15 11.14
N ILE D 15 -30.47 26.18 11.46
CA ILE D 15 -30.26 25.76 12.83
C ILE D 15 -29.46 26.82 13.60
N LEU D 16 -28.45 27.35 12.95
CA LEU D 16 -27.63 28.42 13.53
C LEU D 16 -28.49 29.59 13.95
N TYR D 17 -29.41 29.95 13.08
CA TYR D 17 -30.33 31.06 13.30
C TYR D 17 -31.32 30.74 14.44
N ASN D 18 -31.96 29.57 14.32
CA ASN D 18 -32.89 29.10 15.36
C ASN D 18 -32.26 29.06 16.77
N ILE D 19 -31.05 28.52 16.84
CA ILE D 19 -30.32 28.49 18.12
C ILE D 19 -30.04 29.92 18.64
N ALA D 20 -29.70 30.84 17.75
CA ALA D 20 -29.47 32.25 18.13
C ALA D 20 -30.78 32.95 18.56
N LEU D 21 -31.93 32.35 18.26
CA LEU D 21 -33.20 32.80 18.80
C LEU D 21 -33.66 31.98 20.02
N GLY D 22 -32.80 31.11 20.53
CA GLY D 22 -32.97 30.47 21.85
C GLY D 22 -33.55 29.06 21.78
N ALA D 23 -33.60 28.50 20.57
CA ALA D 23 -34.09 27.14 20.36
C ALA D 23 -33.09 26.20 21.02
N THR D 24 -33.62 25.22 21.72
CA THR D 24 -32.84 24.18 22.39
C THR D 24 -33.22 22.77 21.95
N THR D 25 -32.51 21.78 22.51
CA THR D 25 -32.81 20.36 22.26
C THR D 25 -34.20 19.92 22.84
N LYS D 26 -34.87 20.77 23.60
CA LYS D 26 -36.29 20.49 23.98
C LYS D 26 -37.23 20.55 22.77
N GLN D 27 -36.78 21.23 21.70
CA GLN D 27 -37.52 21.45 20.50
C GLN D 27 -36.66 21.03 19.29
N LEU D 28 -36.58 19.74 19.06
CA LEU D 28 -35.72 19.22 18.02
C LEU D 28 -36.23 19.66 16.63
N LYS D 29 -37.50 20.04 16.55
CA LYS D 29 -38.05 20.59 15.27
C LYS D 29 -37.29 21.83 14.80
N TYR D 30 -36.64 22.51 15.74
CA TYR D 30 -35.83 23.68 15.40
C TYR D 30 -34.33 23.40 15.26
N VAL D 31 -33.83 22.35 15.92
CA VAL D 31 -32.36 22.13 15.98
C VAL D 31 -31.86 20.80 15.38
N TYR D 32 -32.76 19.98 14.85
CA TYR D 32 -32.35 18.74 14.22
C TYR D 32 -32.99 18.60 12.86
N GLU D 33 -32.13 18.58 11.86
CA GLU D 33 -32.52 18.57 10.43
C GLU D 33 -33.33 17.35 10.00
N ASN D 34 -33.23 16.24 10.76
CA ASN D 34 -34.01 15.05 10.41
C ASN D 34 -35.28 14.84 11.27
N ASP D 35 -35.59 15.83 12.11
CA ASP D 35 -36.89 15.83 12.79
C ASP D 35 -37.98 15.94 11.71
N SER D 36 -39.06 15.17 11.79
CA SER D 36 -40.12 15.25 10.77
C SER D 36 -40.78 16.61 10.77
N ASP D 37 -40.63 17.40 11.83
CA ASP D 37 -41.27 18.74 11.82
C ASP D 37 -40.17 19.82 11.68
N PHE D 38 -38.97 19.42 11.23
CA PHE D 38 -37.85 20.37 11.02
C PHE D 38 -38.34 21.65 10.32
N GLN D 39 -38.07 22.78 10.96
CA GLN D 39 -38.57 24.07 10.46
C GLN D 39 -37.69 25.23 10.90
N VAL D 40 -37.80 26.32 10.14
CA VAL D 40 -37.12 27.59 10.45
C VAL D 40 -38.09 28.63 11.04
N ILE D 41 -37.64 29.37 12.06
CA ILE D 41 -38.45 30.51 12.58
C ILE D 41 -38.51 31.55 11.43
N PRO D 42 -39.72 31.98 11.06
CA PRO D 42 -39.92 32.63 9.75
C PRO D 42 -39.31 34.02 9.65
N THR D 43 -38.86 34.62 10.75
CA THR D 43 -38.12 35.87 10.65
C THR D 43 -36.78 35.71 9.90
N PHE D 44 -36.36 34.46 9.73
CA PHE D 44 -35.18 34.08 8.90
C PHE D 44 -35.18 34.82 7.56
N GLY D 45 -36.35 34.99 7.00
CA GLY D 45 -36.48 35.62 5.69
C GLY D 45 -36.00 37.06 5.55
N HIS D 46 -35.80 37.77 6.67
CA HIS D 46 -35.23 39.12 6.61
C HIS D 46 -33.74 39.06 6.21
N LEU D 47 -33.10 37.93 6.42
CA LEU D 47 -31.65 37.78 6.19
C LEU D 47 -31.17 37.96 4.76
N ILE D 48 -32.10 38.12 3.82
CA ILE D 48 -31.76 38.44 2.43
C ILE D 48 -31.00 39.76 2.31
N THR D 49 -31.19 40.62 3.31
CA THR D 49 -30.50 41.90 3.43
C THR D 49 -28.97 41.75 3.33
N PHE D 50 -28.46 40.75 4.05
CA PHE D 50 -27.02 40.57 4.24
C PHE D 50 -26.50 39.51 3.34
N ASN D 51 -27.39 38.62 2.94
CA ASN D 51 -26.96 37.34 2.39
C ASN D 51 -27.26 37.21 0.88
N SER D 52 -27.87 38.27 0.30
CA SER D 52 -28.18 38.37 -1.16
C SER D 52 -27.40 39.47 -1.93
N GLY D 53 -26.24 39.85 -1.38
CA GLY D 53 -25.27 40.63 -2.15
C GLY D 53 -25.48 42.11 -2.37
N LYS D 54 -24.62 42.61 -3.25
CA LYS D 54 -24.47 44.05 -3.51
C LYS D 54 -25.64 44.76 -4.21
N SER D 55 -26.73 44.96 -3.47
CA SER D 55 -27.94 45.70 -3.93
C SER D 55 -29.04 45.95 -2.87
N GLN D 56 -28.70 45.82 -1.58
CA GLN D 56 -29.63 46.12 -0.47
C GLN D 56 -29.69 47.61 -0.23
N ASN D 57 -28.65 48.31 -0.68
CA ASN D 57 -28.47 49.76 -0.50
C ASN D 57 -28.93 50.58 -1.71
N SER D 58 -29.64 49.95 -2.64
CA SER D 58 -30.21 50.65 -3.81
C SER D 58 -31.05 51.87 -3.41
N PHE D 59 -31.60 51.83 -2.20
CA PHE D 59 -32.33 52.96 -1.62
C PHE D 59 -31.48 54.24 -1.53
N ALA D 60 -30.20 54.07 -1.23
CA ALA D 60 -29.22 55.16 -1.20
C ALA D 60 -29.11 56.00 -2.48
N LYS D 61 -29.48 55.42 -3.63
CA LYS D 61 -29.51 56.15 -4.92
C LYS D 61 -30.42 57.40 -4.84
N LEU D 62 -31.47 57.27 -4.04
CA LEU D 62 -32.48 58.33 -3.80
C LEU D 62 -32.14 59.30 -2.67
N LEU D 63 -30.99 59.08 -2.05
CA LEU D 63 -30.54 59.89 -0.93
C LEU D 63 -29.41 60.86 -1.28
N ARG D 64 -29.46 62.04 -0.67
CA ARG D 64 -28.43 63.06 -0.81
C ARG D 64 -27.77 63.27 0.56
N ASN D 65 -26.43 63.36 0.58
CA ASN D 65 -25.64 63.50 1.81
C ASN D 65 -25.82 62.31 2.78
N PHE D 66 -25.98 61.14 2.17
CA PHE D 66 -26.22 59.91 2.88
C PHE D 66 -24.95 59.44 3.60
N ASN D 67 -25.08 59.34 4.92
CA ASN D 67 -24.05 58.85 5.81
C ASN D 67 -24.57 57.61 6.58
N PRO D 68 -24.08 56.42 6.22
CA PRO D 68 -24.57 55.16 6.81
C PRO D 68 -24.43 55.05 8.33
N MSE D 69 -23.47 55.73 8.94
CA MSE D 69 -23.38 55.83 10.41
C MSE D 69 -24.58 56.53 11.08
O MSE D 69 -24.81 56.36 12.29
CB MSE D 69 -22.13 56.64 10.82
CG MSE D 69 -20.82 55.94 10.56
SE MSE D 69 -19.36 57.17 10.76
CE MSE D 69 -20.00 58.14 12.52
N LEU D 70 -25.32 57.31 10.30
CA LEU D 70 -26.48 58.08 10.81
C LEU D 70 -27.84 57.40 10.52
N LEU D 71 -27.76 56.13 10.10
CA LEU D 71 -28.95 55.32 9.78
C LEU D 71 -29.37 54.48 10.99
N LEU D 72 -30.65 54.52 11.29
CA LEU D 72 -31.26 53.62 12.28
C LEU D 72 -32.36 52.80 11.59
N HIS D 73 -32.41 51.53 11.97
CA HIS D 73 -33.47 50.58 11.55
C HIS D 73 -34.65 50.79 12.48
N GLY D 74 -35.65 51.50 11.98
CA GLY D 74 -36.76 51.96 12.82
C GLY D 74 -37.96 51.04 12.93
N GLU D 75 -38.32 50.41 11.82
CA GLU D 75 -39.44 49.46 11.72
C GLU D 75 -39.09 48.33 10.74
N HIS D 76 -39.68 47.17 11.00
CA HIS D 76 -39.57 46.01 10.10
C HIS D 76 -40.84 45.21 10.02
N TYR D 77 -41.18 44.89 8.78
CA TYR D 77 -42.34 44.11 8.44
C TYR D 77 -41.92 42.96 7.51
N LEU D 78 -42.44 41.78 7.78
CA LEU D 78 -42.10 40.56 7.03
C LEU D 78 -43.35 39.72 6.85
N LYS D 79 -43.55 39.21 5.62
CA LYS D 79 -44.63 38.28 5.29
C LYS D 79 -44.01 37.03 4.62
N VAL D 80 -44.44 35.85 5.09
CA VAL D 80 -44.16 34.57 4.45
C VAL D 80 -45.33 34.16 3.55
N HIS D 81 -45.06 33.90 2.29
CA HIS D 81 -46.14 33.63 1.31
C HIS D 81 -46.32 32.16 0.98
N SER D 82 -45.35 31.34 1.36
CA SER D 82 -45.35 29.92 1.11
C SER D 82 -44.89 29.26 2.38
N TRP D 83 -45.81 28.71 3.16
CA TRP D 83 -45.41 28.21 4.49
C TRP D 83 -45.64 26.69 4.70
N PRO D 84 -44.89 26.10 5.61
CA PRO D 84 -43.74 26.74 6.24
C PRO D 84 -42.64 27.06 5.23
N PRO D 85 -41.80 28.03 5.53
CA PRO D 85 -40.76 28.42 4.59
C PRO D 85 -39.77 27.29 4.38
N PRO D 86 -39.11 27.23 3.23
CA PRO D 86 -38.19 26.11 2.99
C PRO D 86 -36.99 26.19 3.95
N THR D 87 -36.41 25.04 4.24
CA THR D 87 -35.26 24.97 5.16
C THR D 87 -33.98 24.82 4.35
N GLU D 88 -34.09 24.78 3.05
CA GLU D 88 -32.91 24.82 2.22
C GLU D 88 -33.36 25.25 0.83
N GLY D 89 -32.43 25.83 0.10
CA GLY D 89 -32.65 26.16 -1.31
C GLY D 89 -31.90 27.41 -1.72
N GLU D 90 -32.38 28.03 -2.79
CA GLU D 90 -31.78 29.22 -3.40
C GLU D 90 -32.89 30.24 -3.62
N ILE D 91 -32.69 31.43 -3.12
CA ILE D 91 -33.68 32.48 -3.23
C ILE D 91 -33.11 33.71 -3.91
N LYS D 92 -33.86 34.26 -4.85
CA LYS D 92 -33.51 35.50 -5.54
C LYS D 92 -34.28 36.70 -5.03
N THR D 93 -33.58 37.78 -4.69
CA THR D 93 -34.24 38.93 -4.08
C THR D 93 -34.16 40.16 -4.98
N THR D 94 -35.31 40.79 -5.17
CA THR D 94 -35.45 42.07 -5.87
C THR D 94 -35.78 43.15 -4.84
N PHE D 95 -35.00 44.22 -4.87
CA PHE D 95 -35.21 45.36 -4.00
C PHE D 95 -35.85 46.53 -4.73
N GLU D 96 -36.71 47.24 -4.00
CA GLU D 96 -37.37 48.46 -4.52
C GLU D 96 -37.66 49.44 -3.38
N PRO D 97 -37.29 50.70 -3.51
CA PRO D 97 -37.76 51.72 -2.58
C PRO D 97 -39.28 51.84 -2.62
N ILE D 98 -39.87 52.00 -1.46
CA ILE D 98 -41.33 52.13 -1.37
C ILE D 98 -41.70 53.58 -1.13
N ALA D 99 -40.95 54.26 -0.26
CA ALA D 99 -41.20 55.69 -0.06
C ALA D 99 -40.02 56.40 0.56
N THR D 100 -39.90 57.70 0.24
CA THR D 100 -38.97 58.59 0.91
C THR D 100 -39.73 59.80 1.50
N THR D 101 -39.40 60.19 2.72
CA THR D 101 -40.10 61.29 3.39
C THR D 101 -39.17 62.12 4.28
N PRO D 102 -38.89 63.36 3.87
CA PRO D 102 -38.20 64.31 4.74
C PRO D 102 -38.98 64.58 6.03
N LYS D 103 -38.25 64.63 7.14
CA LYS D 103 -38.78 65.01 8.46
C LYS D 103 -37.74 65.95 9.08
N GLY D 104 -37.90 67.23 8.80
CA GLY D 104 -36.90 68.24 9.11
C GLY D 104 -35.59 68.05 8.35
N THR D 105 -34.49 68.02 9.08
CA THR D 105 -33.15 67.75 8.53
C THR D 105 -32.85 66.24 8.42
N ASN D 106 -33.89 65.43 8.54
CA ASN D 106 -33.78 63.99 8.46
C ASN D 106 -34.64 63.42 7.36
N VAL D 107 -34.47 62.12 7.13
CA VAL D 107 -35.27 61.38 6.12
C VAL D 107 -35.74 60.03 6.66
N VAL D 108 -36.98 59.68 6.31
CA VAL D 108 -37.55 58.38 6.62
C VAL D 108 -37.70 57.65 5.30
N ILE D 109 -37.02 56.53 5.16
CA ILE D 109 -37.08 55.72 3.95
C ILE D 109 -37.68 54.35 4.22
N VAL D 110 -38.71 54.00 3.47
CA VAL D 110 -39.24 52.63 3.52
C VAL D 110 -38.71 51.88 2.28
N HIS D 111 -37.96 50.83 2.55
CA HIS D 111 -37.29 50.00 1.53
C HIS D 111 -37.86 48.57 1.54
N GLY D 112 -38.37 48.16 0.40
CA GLY D 112 -39.11 46.92 0.24
C GLY D 112 -38.36 45.88 -0.58
N SER D 113 -38.68 44.63 -0.33
CA SER D 113 -38.06 43.54 -1.06
C SER D 113 -39.00 42.36 -1.19
N LYS D 114 -38.80 41.63 -2.26
CA LYS D 114 -39.53 40.41 -2.57
C LYS D 114 -38.52 39.30 -2.82
N SER D 115 -38.66 38.17 -2.15
CA SER D 115 -37.69 37.07 -2.28
C SER D 115 -38.35 35.81 -2.88
N VAL D 116 -37.92 35.44 -4.07
CA VAL D 116 -38.50 34.31 -4.76
C VAL D 116 -37.58 33.08 -4.84
N ASP D 117 -38.18 31.93 -5.00
CA ASP D 117 -37.41 30.74 -5.30
C ASP D 117 -36.71 30.91 -6.64
N ASN D 118 -35.40 30.70 -6.64
CA ASN D 118 -34.56 30.98 -7.84
C ASN D 118 -34.79 30.04 -9.02
N LYS D 119 -35.36 28.87 -8.74
CA LYS D 119 -35.67 27.95 -9.84
C LYS D 119 -37.14 28.10 -10.31
N SER D 120 -38.07 28.20 -9.36
CA SER D 120 -39.52 28.20 -9.65
C SER D 120 -40.11 29.58 -9.86
N GLY D 121 -39.46 30.60 -9.35
CA GLY D 121 -40.07 31.92 -9.30
C GLY D 121 -41.11 32.11 -8.18
N GLU D 122 -41.37 31.07 -7.38
CA GLU D 122 -42.35 31.20 -6.28
C GLU D 122 -41.97 32.30 -5.26
N LEU D 123 -42.92 33.15 -4.93
CA LEU D 123 -42.72 34.20 -3.93
C LEU D 123 -42.66 33.57 -2.52
N ILE D 124 -41.56 33.76 -1.83
CA ILE D 124 -41.41 33.17 -0.52
C ILE D 124 -41.55 34.17 0.63
N TYR D 125 -40.77 35.24 0.58
CA TYR D 125 -40.84 36.30 1.60
C TYR D 125 -40.98 37.66 0.99
N SER D 126 -41.66 38.55 1.71
CA SER D 126 -41.62 39.99 1.46
C SER D 126 -41.12 40.66 2.71
N ASN D 127 -40.31 41.70 2.52
CA ASN D 127 -39.79 42.49 3.66
C ASN D 127 -40.03 43.95 3.35
N GLU D 128 -40.34 44.72 4.37
CA GLU D 128 -40.37 46.18 4.30
C GLU D 128 -39.62 46.74 5.51
N ALA D 129 -38.48 47.38 5.24
CA ALA D 129 -37.67 47.96 6.30
C ALA D 129 -37.85 49.47 6.24
N THR D 130 -37.96 50.03 7.42
CA THR D 130 -38.16 51.47 7.53
C THR D 130 -36.91 51.99 8.19
N TYR D 131 -36.23 52.91 7.52
CA TYR D 131 -34.99 53.48 8.06
C TYR D 131 -35.18 54.96 8.38
N PHE D 132 -34.69 55.35 9.55
CA PHE D 132 -34.58 56.77 9.98
C PHE D 132 -33.11 57.23 9.85
N ILE D 133 -32.88 58.20 8.98
CA ILE D 133 -31.54 58.69 8.64
C ILE D 133 -31.37 60.19 8.95
N ARG D 134 -30.46 60.50 9.87
CA ARG D 134 -30.14 61.88 10.20
C ARG D 134 -29.30 62.55 9.11
N ASN D 135 -29.41 63.87 9.09
CA ASN D 135 -28.59 64.74 8.23
C ASN D 135 -28.52 64.20 6.79
N CYS D 136 -29.72 64.08 6.22
CA CYS D 136 -29.95 63.46 4.93
C CYS D 136 -31.07 64.20 4.19
N GLN D 137 -30.98 64.27 2.86
CA GLN D 137 -32.04 64.89 2.05
C GLN D 137 -32.62 63.89 1.06
N ALA D 138 -33.85 64.14 0.67
CA ALA D 138 -34.51 63.36 -0.37
C ALA D 138 -35.80 64.03 -0.79
N ASP D 139 -36.25 63.70 -2.00
CA ASP D 139 -37.58 64.05 -2.45
C ASP D 139 -38.66 63.43 -1.55
N ASN D 140 -39.78 64.13 -1.43
CA ASN D 140 -41.01 63.58 -0.83
C ASN D 140 -41.77 62.75 -1.86
N LYS D 141 -41.54 61.45 -1.80
CA LYS D 141 -42.14 60.52 -2.77
C LYS D 141 -42.72 59.23 -2.19
N VAL D 142 -43.73 58.75 -2.91
CA VAL D 142 -44.35 57.42 -2.68
C VAL D 142 -44.28 56.62 -3.99
N TYR D 143 -43.68 55.43 -3.93
CA TYR D 143 -43.50 54.57 -5.12
C TYR D 143 -44.44 53.36 -5.17
N ALA D 144 -44.95 52.96 -4.02
CA ALA D 144 -45.83 51.81 -3.92
C ALA D 144 -46.75 51.91 -2.70
N ASP D 145 -47.90 51.27 -2.84
CA ASP D 145 -48.83 51.09 -1.74
C ASP D 145 -48.22 50.06 -0.82
N ARG D 146 -48.69 50.06 0.41
CA ARG D 146 -48.24 49.13 1.44
C ARG D 146 -49.39 48.32 2.03
N PRO D 147 -49.10 47.08 2.37
CA PRO D 147 -50.07 46.22 3.04
C PRO D 147 -50.52 46.89 4.35
N ALA D 148 -51.79 46.71 4.68
CA ALA D 148 -52.37 47.29 5.89
C ALA D 148 -51.62 46.82 7.14
N PHE D 149 -51.19 45.58 7.15
CA PHE D 149 -50.43 45.06 8.30
C PHE D 149 -49.12 45.84 8.61
N ALA D 150 -48.47 46.30 7.54
CA ALA D 150 -47.17 46.97 7.63
C ALA D 150 -47.27 48.38 8.20
N THR D 151 -48.43 49.00 8.05
CA THR D 151 -48.62 50.40 8.48
C THR D 151 -49.53 50.53 9.70
N ASN D 152 -50.09 49.41 10.12
CA ASN D 152 -50.93 49.38 11.31
C ASN D 152 -50.06 49.74 12.53
N GLN D 153 -50.57 50.63 13.35
CA GLN D 153 -49.82 51.14 14.51
C GLN D 153 -49.83 50.15 15.69
N PHE D 154 -50.75 49.19 15.67
CA PHE D 154 -50.87 48.15 16.70
C PHE D 154 -50.65 48.67 18.13
N LEU D 155 -51.34 49.74 18.46
CA LEU D 155 -51.35 50.26 19.81
C LEU D 155 -51.67 49.18 20.86
N ALA D 156 -50.79 49.08 21.84
CA ALA D 156 -50.99 48.16 22.97
C ALA D 156 -52.25 48.57 23.72
N PRO D 157 -53.21 47.67 23.78
CA PRO D 157 -54.45 47.89 24.52
C PRO D 157 -54.14 48.22 25.99
N LYS D 158 -55.02 48.99 26.61
CA LYS D 158 -54.84 49.48 27.98
C LYS D 158 -55.00 48.39 29.05
N ARG D 159 -55.83 47.39 28.78
CA ARG D 159 -56.05 46.29 29.74
C ARG D 159 -54.75 45.50 29.94
N ALA D 160 -54.67 44.79 31.06
CA ALA D 160 -53.52 43.92 31.35
C ALA D 160 -53.30 42.96 30.21
N PRO D 161 -52.04 42.62 29.96
CA PRO D 161 -51.69 41.64 28.94
C PRO D 161 -52.33 40.26 29.19
N ASP D 162 -52.70 39.58 28.11
CA ASP D 162 -53.17 38.20 28.21
C ASP D 162 -52.06 37.22 28.50
N TYR D 163 -50.83 37.58 28.11
CA TYR D 163 -49.65 36.72 28.30
C TYR D 163 -48.44 37.56 28.54
N GLN D 164 -47.57 37.04 29.39
CA GLN D 164 -46.31 37.67 29.78
C GLN D 164 -45.26 36.56 29.91
N VAL D 165 -44.14 36.75 29.23
CA VAL D 165 -43.00 35.85 29.42
C VAL D 165 -41.66 36.57 29.36
N ASP D 166 -40.78 36.18 30.27
CA ASP D 166 -39.42 36.69 30.33
C ASP D 166 -38.46 35.83 29.53
N VAL D 167 -37.52 36.49 28.83
CA VAL D 167 -36.55 35.82 27.96
C VAL D 167 -35.12 36.34 28.25
N PRO D 168 -34.33 35.60 29.03
CA PRO D 168 -32.92 35.96 29.31
C PRO D 168 -32.10 35.98 28.04
N VAL D 169 -31.28 37.00 27.89
CA VAL D 169 -30.40 37.12 26.72
C VAL D 169 -28.98 36.83 27.20
N SER D 170 -28.37 35.76 26.71
CA SER D 170 -26.97 35.45 27.06
C SER D 170 -26.05 36.63 26.72
N GLU D 171 -25.06 36.86 27.58
CA GLU D 171 -23.94 37.80 27.30
C GLU D 171 -23.25 37.54 25.96
N ASP D 172 -23.34 36.30 25.49
CA ASP D 172 -22.59 35.83 24.32
C ASP D 172 -23.48 35.71 23.10
N LEU D 173 -24.75 36.07 23.27
CA LEU D 173 -25.73 35.82 22.20
C LEU D 173 -25.42 36.61 20.95
N ALA D 174 -24.92 37.84 21.08
CA ALA D 174 -24.67 38.63 19.83
C ALA D 174 -23.56 37.99 18.94
N ALA D 175 -22.59 37.37 19.61
CA ALA D 175 -21.48 36.70 18.96
C ALA D 175 -21.94 35.54 18.10
N LEU D 176 -22.98 34.86 18.55
CA LEU D 176 -23.58 33.78 17.74
C LEU D 176 -24.53 34.28 16.65
N TYR D 177 -25.38 35.23 17.04
CA TYR D 177 -26.42 35.75 16.17
C TYR D 177 -25.82 36.42 14.94
N ARG D 178 -24.72 37.13 15.12
CA ARG D 178 -24.07 37.81 13.99
C ARG D 178 -23.59 36.86 12.89
N LEU D 179 -23.42 35.58 13.21
CA LEU D 179 -22.95 34.59 12.20
C LEU D 179 -24.03 34.30 11.17
N SER D 180 -25.25 34.73 11.45
CA SER D 180 -26.35 34.59 10.45
C SER D 180 -26.29 35.66 9.37
N GLY D 181 -25.43 36.67 9.55
CA GLY D 181 -25.09 37.62 8.50
C GLY D 181 -24.73 39.04 8.84
N ASP D 182 -25.35 39.59 9.85
CA ASP D 182 -25.11 40.99 10.24
C ASP D 182 -23.86 41.15 11.11
N ARG D 183 -22.73 41.40 10.46
CA ARG D 183 -21.43 41.54 11.12
C ARG D 183 -21.10 42.92 11.68
N ASN D 184 -22.06 43.85 11.67
CA ASN D 184 -21.86 45.24 12.12
C ASN D 184 -21.12 45.20 13.47
N PRO D 185 -19.95 45.79 13.52
CA PRO D 185 -19.11 45.72 14.71
C PRO D 185 -19.72 46.36 15.97
N LEU D 186 -20.76 47.15 15.78
CA LEU D 186 -21.54 47.74 16.86
C LEU D 186 -22.06 46.71 17.92
N HIS D 187 -22.33 45.50 17.45
CA HIS D 187 -22.86 44.40 18.26
C HIS D 187 -21.81 43.54 18.99
N ILE D 188 -20.53 43.85 18.80
CA ILE D 188 -19.45 42.95 19.27
C ILE D 188 -18.18 43.68 19.78
N ASP D 189 -17.82 44.76 19.11
CA ASP D 189 -16.64 45.55 19.43
C ASP D 189 -16.96 46.80 20.29
N PRO D 190 -16.54 46.81 21.57
CA PRO D 190 -16.85 47.96 22.44
C PRO D 190 -16.39 49.30 21.90
N ASN D 191 -15.26 49.33 21.21
CA ASN D 191 -14.76 50.56 20.58
C ASN D 191 -15.73 51.13 19.56
N PHE D 192 -16.26 50.25 18.69
CA PHE D 192 -17.25 50.68 17.71
C PHE D 192 -18.55 51.05 18.39
N ALA D 193 -18.98 50.29 19.38
CA ALA D 193 -20.20 50.61 20.14
C ALA D 193 -20.12 52.01 20.73
N LYS D 194 -18.98 52.31 21.31
CA LYS D 194 -18.75 53.61 21.98
C LYS D 194 -18.71 54.75 20.96
N GLY D 195 -18.11 54.48 19.81
CA GLY D 195 -18.18 55.38 18.65
C GLY D 195 -19.60 55.78 18.27
N ALA D 196 -20.49 54.81 18.35
CA ALA D 196 -21.94 55.00 18.11
C ALA D 196 -22.73 55.42 19.38
N LYS D 197 -22.01 55.83 20.41
CA LYS D 197 -22.61 56.44 21.62
C LYS D 197 -23.38 55.47 22.49
N PHE D 198 -22.94 54.22 22.50
CA PHE D 198 -23.45 53.21 23.46
C PHE D 198 -22.31 52.87 24.37
N PRO D 199 -22.59 52.57 25.64
CA PRO D 199 -21.51 52.30 26.60
C PRO D 199 -20.79 51.01 26.36
N LYS D 200 -21.46 50.08 25.69
CA LYS D 200 -20.87 48.80 25.33
C LYS D 200 -21.71 48.23 24.20
N PRO D 201 -21.29 47.13 23.60
CA PRO D 201 -22.06 46.60 22.46
C PRO D 201 -23.50 46.21 22.79
N ILE D 202 -24.36 46.49 21.83
CA ILE D 202 -25.79 46.21 21.91
C ILE D 202 -26.15 45.00 21.11
N LEU D 203 -27.23 44.35 21.53
CA LEU D 203 -27.86 43.25 20.76
C LEU D 203 -28.47 43.77 19.49
N HIS D 204 -28.46 42.95 18.45
CA HIS D 204 -29.09 43.29 17.20
C HIS D 204 -30.59 43.45 17.43
N GLY D 205 -31.12 44.57 16.98
CA GLY D 205 -32.57 44.74 16.93
C GLY D 205 -33.29 43.55 16.36
N MSE D 206 -32.72 42.94 15.34
CA MSE D 206 -33.47 41.86 14.62
C MSE D 206 -33.39 40.57 15.46
O MSE D 206 -34.19 39.69 15.28
CB MSE D 206 -32.94 41.60 13.23
CG MSE D 206 -33.32 42.68 12.18
SE MSE D 206 -35.31 42.88 12.12
CE MSE D 206 -35.72 41.08 11.44
N CYS D 207 -32.41 40.49 16.36
CA CYS D 207 -32.31 39.37 17.31
C CYS D 207 -33.40 39.51 18.41
N THR D 208 -33.62 40.73 18.90
CA THR D 208 -34.73 41.00 19.84
C THR D 208 -36.12 40.64 19.22
N TYR D 209 -36.28 41.09 18.01
CA TYR D 209 -37.41 40.82 17.12
C TYR D 209 -37.67 39.33 16.96
N GLY D 210 -36.63 38.59 16.60
CA GLY D 210 -36.68 37.13 16.50
C GLY D 210 -36.91 36.41 17.83
N LEU D 211 -36.26 36.83 18.91
CA LEU D 211 -36.50 36.23 20.24
C LEU D 211 -37.98 36.41 20.64
N SER D 212 -38.52 37.58 20.32
CA SER D 212 -39.92 37.91 20.56
C SER D 212 -40.82 36.97 19.74
N ALA D 213 -40.55 36.86 18.45
CA ALA D 213 -41.26 35.95 17.56
C ALA D 213 -41.26 34.50 18.06
N LYS D 214 -40.12 34.06 18.59
CA LYS D 214 -39.97 32.68 19.07
C LYS D 214 -40.86 32.46 20.29
N ALA D 215 -40.81 33.38 21.23
CA ALA D 215 -41.63 33.29 22.44
C ALA D 215 -43.14 33.27 22.11
N LEU D 216 -43.53 34.08 21.13
CA LEU D 216 -44.92 34.20 20.74
C LEU D 216 -45.37 32.93 20.04
N ILE D 217 -44.52 32.37 19.19
CA ILE D 217 -44.85 31.07 18.55
C ILE D 217 -45.04 29.97 19.64
N ASP D 218 -44.17 29.88 20.63
CA ASP D 218 -44.35 28.88 21.71
C ASP D 218 -45.72 28.93 22.36
N LYS D 219 -46.24 30.14 22.58
CA LYS D 219 -47.55 30.32 23.23
C LYS D 219 -48.75 30.24 22.28
N PHE D 220 -48.65 30.89 21.12
CA PHE D 220 -49.79 31.16 20.28
C PHE D 220 -49.82 30.40 18.96
N GLY D 221 -48.74 29.74 18.58
CA GLY D 221 -48.78 29.11 17.27
C GLY D 221 -48.01 29.92 16.24
N MSE D 222 -47.89 29.32 15.07
CA MSE D 222 -47.13 29.89 13.99
C MSE D 222 -47.83 31.13 13.43
O MSE D 222 -49.06 31.22 13.45
CB MSE D 222 -46.90 28.84 12.89
CG MSE D 222 -46.03 29.33 11.72
SE MSE D 222 -44.25 29.92 12.24
CE MSE D 222 -43.72 28.72 13.24
N PHE D 223 -47.02 32.04 12.89
CA PHE D 223 -47.51 33.21 12.17
C PHE D 223 -46.91 33.31 10.77
N ASN D 224 -47.57 34.07 9.89
CA ASN D 224 -47.00 34.37 8.57
C ASN D 224 -46.83 35.84 8.26
N GLU D 225 -47.13 36.68 9.23
CA GLU D 225 -46.93 38.11 9.13
C GLU D 225 -46.48 38.70 10.47
N ILE D 226 -45.46 39.53 10.43
CA ILE D 226 -44.97 40.25 11.64
C ILE D 226 -44.57 41.68 11.26
N LYS D 227 -44.89 42.61 12.16
CA LYS D 227 -44.52 44.00 12.05
C LYS D 227 -44.17 44.54 13.44
N ALA D 228 -43.11 45.35 13.51
CA ALA D 228 -42.73 45.97 14.78
C ALA D 228 -41.99 47.30 14.56
N ARG D 229 -42.01 48.14 15.59
CA ARG D 229 -41.22 49.36 15.64
C ARG D 229 -40.18 49.20 16.77
N PHE D 230 -38.94 49.53 16.43
CA PHE D 230 -37.82 49.49 17.37
C PHE D 230 -37.79 50.82 18.12
N THR D 231 -37.84 50.75 19.44
CA THR D 231 -37.94 51.94 20.29
C THR D 231 -36.96 52.00 21.43
N GLY D 232 -36.06 51.04 21.52
CA GLY D 232 -34.99 51.11 22.51
C GLY D 232 -34.01 49.97 22.38
N ILE D 233 -32.81 50.19 22.90
CA ILE D 233 -31.73 49.24 22.77
C ILE D 233 -31.83 48.16 23.84
N VAL D 234 -31.13 47.09 23.56
CA VAL D 234 -31.02 45.92 24.43
C VAL D 234 -29.55 45.53 24.44
N PHE D 235 -29.05 45.20 25.62
CA PHE D 235 -27.67 44.75 25.81
C PHE D 235 -27.66 43.24 26.04
N PRO D 236 -26.65 42.58 25.51
CA PRO D 236 -26.42 41.17 25.86
C PRO D 236 -26.32 41.02 27.37
N GLY D 237 -26.93 39.98 27.93
CA GLY D 237 -26.91 39.81 29.38
C GLY D 237 -28.19 40.26 30.07
N GLU D 238 -28.95 41.11 29.39
CA GLU D 238 -30.24 41.60 29.91
C GLU D 238 -31.34 40.55 29.72
N THR D 239 -32.49 40.82 30.36
CA THR D 239 -33.70 39.98 30.23
C THR D 239 -34.82 40.73 29.55
N LEU D 240 -35.35 40.15 28.48
CA LEU D 240 -36.54 40.65 27.80
C LEU D 240 -37.83 40.17 28.46
N ARG D 241 -38.88 40.95 28.30
CA ARG D 241 -40.21 40.56 28.77
C ARG D 241 -41.16 40.87 27.63
N VAL D 242 -41.70 39.80 27.08
CA VAL D 242 -42.69 39.89 26.05
C VAL D 242 -44.11 39.99 26.64
N LEU D 243 -44.81 41.07 26.28
CA LEU D 243 -46.22 41.28 26.62
C LEU D 243 -47.10 41.09 25.40
N ALA D 244 -48.17 40.34 25.55
CA ALA D 244 -49.00 39.94 24.41
C ALA D 244 -50.47 40.07 24.72
N TRP D 245 -51.20 40.58 23.73
CA TRP D 245 -52.64 40.77 23.83
C TRP D 245 -53.28 40.04 22.67
N LYS D 246 -54.25 39.20 23.00
CA LYS D 246 -55.03 38.45 22.01
C LYS D 246 -56.10 39.36 21.40
N GLU D 247 -55.91 39.79 20.17
CA GLU D 247 -56.82 40.75 19.56
C GLU D 247 -57.65 40.07 18.46
N SER D 248 -58.54 40.82 17.83
CA SER D 248 -59.37 40.24 16.76
C SER D 248 -58.54 39.89 15.50
N ASP D 249 -59.20 39.23 14.55
CA ASP D 249 -58.62 38.93 13.23
C ASP D 249 -57.32 38.14 13.33
N ASP D 250 -57.28 37.22 14.27
CA ASP D 250 -56.18 36.29 14.46
C ASP D 250 -54.87 37.00 14.71
N THR D 251 -54.96 38.16 15.32
CA THR D 251 -53.79 39.00 15.53
C THR D 251 -53.42 39.04 16.99
N ILE D 252 -52.12 38.90 17.24
CA ILE D 252 -51.54 39.04 18.57
C ILE D 252 -50.70 40.30 18.57
N VAL D 253 -51.17 41.29 19.34
CA VAL D 253 -50.45 42.54 19.49
C VAL D 253 -49.47 42.29 20.64
N PHE D 254 -48.28 42.86 20.55
CA PHE D 254 -47.26 42.65 21.56
C PHE D 254 -46.33 43.84 21.78
N GLN D 255 -45.62 43.75 22.89
CA GLN D 255 -44.53 44.67 23.17
C GLN D 255 -43.36 43.85 23.73
N THR D 256 -42.15 44.35 23.56
CA THR D 256 -40.99 43.74 24.17
C THR D 256 -40.27 44.74 25.07
N HIS D 257 -40.29 44.45 26.36
CA HIS D 257 -39.68 45.32 27.35
C HIS D 257 -38.34 44.77 27.75
N VAL D 258 -37.53 45.65 28.32
CA VAL D 258 -36.25 45.27 28.92
C VAL D 258 -36.46 45.38 30.40
N VAL D 259 -36.37 44.24 31.08
CA VAL D 259 -36.62 44.16 32.51
C VAL D 259 -35.62 44.96 33.29
N ASP D 260 -34.35 44.85 32.90
CA ASP D 260 -33.26 45.43 33.71
C ASP D 260 -33.36 46.95 33.85
N ARG D 261 -33.85 47.60 32.81
CA ARG D 261 -33.87 49.06 32.78
C ARG D 261 -35.25 49.70 32.70
N GLY D 262 -36.26 48.87 32.58
CA GLY D 262 -37.65 49.31 32.63
C GLY D 262 -38.02 50.10 31.39
N THR D 263 -37.49 49.64 30.26
CA THR D 263 -37.70 50.32 28.99
C THR D 263 -38.48 49.43 28.02
N ILE D 264 -38.92 50.05 26.94
CA ILE D 264 -39.52 49.34 25.83
C ILE D 264 -38.59 49.29 24.60
N ALA D 265 -38.23 48.08 24.21
CA ALA D 265 -37.35 47.84 23.06
C ALA D 265 -38.14 47.67 21.74
N ILE D 266 -39.33 47.07 21.85
CA ILE D 266 -40.21 46.85 20.72
C ILE D 266 -41.63 47.28 21.07
N ASN D 267 -42.21 48.09 20.20
CA ASN D 267 -43.56 48.64 20.38
C ASN D 267 -44.29 48.58 19.06
N ASN D 268 -45.58 48.89 19.06
CA ASN D 268 -46.37 49.03 17.84
C ASN D 268 -46.20 47.80 16.98
N ALA D 269 -46.34 46.66 17.66
CA ALA D 269 -46.01 45.37 17.09
C ALA D 269 -47.17 44.35 17.14
N ALA D 270 -47.20 43.51 16.09
CA ALA D 270 -48.14 42.40 16.02
C ALA D 270 -47.65 41.24 15.13
N ILE D 271 -48.23 40.06 15.38
CA ILE D 271 -48.14 38.90 14.49
C ILE D 271 -49.53 38.46 14.04
N LYS D 272 -49.59 37.86 12.86
CA LYS D 272 -50.81 37.32 12.28
C LYS D 272 -50.70 35.81 12.25
N LEU D 273 -51.52 35.14 13.04
CA LEU D 273 -51.42 33.70 13.21
C LEU D 273 -51.95 33.01 11.92
N VAL D 274 -51.32 31.91 11.53
CA VAL D 274 -51.69 31.19 10.32
C VAL D 274 -53.08 30.56 10.49
N GLY D 275 -53.34 30.11 11.71
CA GLY D 275 -54.64 29.59 12.11
C GLY D 275 -54.73 28.06 12.13
N ASP D 276 -53.66 27.42 12.61
CA ASP D 276 -53.56 25.96 12.70
C ASP D 276 -54.12 25.40 14.01
C1 EDO E . 19.25 -29.73 -23.92
O1 EDO E . 18.93 -30.88 -23.12
C2 EDO E . 17.99 -29.07 -24.47
O2 EDO E . 16.87 -29.93 -24.46
C1 EDO F . -11.15 11.29 13.10
O1 EDO F . -10.28 11.85 12.15
C2 EDO F . -11.70 12.54 13.74
O2 EDO F . -12.69 13.09 12.90
C1 EDO G . -7.77 10.34 9.71
O1 EDO G . -9.12 10.10 9.99
C2 EDO G . -7.43 11.68 10.27
O2 EDO G . -7.87 12.72 9.39
C1 EDO H . -41.09 12.59 15.51
O1 EDO H . -40.32 11.41 15.56
C2 EDO H . -40.23 13.83 15.22
O2 EDO H . -39.19 13.62 14.28
C1 EDO I . -43.36 45.11 32.13
O1 EDO I . -43.22 44.45 33.36
C2 EDO I . -42.96 46.55 32.31
O2 EDO I . -44.12 47.23 32.67
#